data_5C9K
#
_entry.id   5C9K
#
_cell.length_a   104.556
_cell.length_b   95.633
_cell.length_c   102.583
_cell.angle_alpha   90.00
_cell.angle_beta   96.00
_cell.angle_gamma   90.00
#
_symmetry.space_group_name_H-M   'C 1 2 1'
#
loop_
_entity.id
_entity.type
_entity.pdbx_description
1 polymer 'Amyloid lambda 6 light chain variable region PIP'
2 non-polymer 'ACETATE ION'
3 water water
#
_entity_poly.entity_id   1
_entity_poly.type   'polypeptide(L)'
_entity_poly.pdbx_seq_one_letter_code
;NFMLTQPHSVSESPGKTVTISCTGSSGSIASNYVQWYQQRPGSSPTTVIYEDNQRPSGVPDRFSGSIDSSSNSASLTISG
LKTEDEADYYCQSYDSSNHVVFGGGTKLTVL
;
_entity_poly.pdbx_strand_id   A,B,C,D,E,F,G,H
#
loop_
_chem_comp.id
_chem_comp.type
_chem_comp.name
_chem_comp.formula
ACT non-polymer 'ACETATE ION' 'C2 H3 O2 -1'
#
# COMPACT_ATOMS: atom_id res chain seq x y z
N ASN A 1 15.84 12.32 14.22
CA ASN A 1 14.61 12.06 13.48
C ASN A 1 14.90 12.11 12.00
N PHE A 2 15.84 11.25 11.56
CA PHE A 2 16.16 11.11 10.14
C PHE A 2 14.88 10.82 9.37
N MET A 3 14.72 11.53 8.26
CA MET A 3 13.55 11.35 7.42
C MET A 3 13.97 11.24 5.97
N LEU A 4 13.11 10.62 5.16
CA LEU A 4 13.38 10.52 3.73
C LEU A 4 12.27 11.15 2.92
N THR A 5 12.65 12.09 2.06
CA THR A 5 11.72 12.84 1.25
C THR A 5 11.67 12.45 -0.21
N GLN A 6 10.47 12.12 -0.68
CA GLN A 6 10.22 11.66 -2.02
C GLN A 6 9.15 12.55 -2.67
N PRO A 7 9.25 12.78 -3.98
CA PRO A 7 8.16 13.43 -4.71
C PRO A 7 6.96 12.51 -4.95
N HIS A 8 5.76 13.10 -4.96
CA HIS A 8 4.52 12.34 -5.04
C HIS A 8 4.42 11.45 -6.26
N SER A 9 4.80 12.00 -7.40
CA SER A 9 4.42 11.45 -8.68
C SER A 9 5.44 11.77 -9.72
N VAL A 10 5.63 10.82 -10.62
CA VAL A 10 6.41 11.03 -11.82
C VAL A 10 5.68 10.31 -12.93
N SER A 11 5.95 10.73 -14.16
CA SER A 11 5.36 10.11 -15.34
C SER A 11 6.33 10.10 -16.49
N GLU A 12 6.24 9.07 -17.31
CA GLU A 12 7.06 9.02 -18.50
C GLU A 12 6.43 8.04 -19.47
N SER A 13 6.88 8.10 -20.71
CA SER A 13 6.38 7.23 -21.76
C SER A 13 7.20 5.95 -21.88
N PRO A 14 6.56 4.86 -22.34
CA PRO A 14 7.27 3.58 -22.50
C PRO A 14 8.55 3.74 -23.28
N GLY A 15 9.58 2.99 -22.91
CA GLY A 15 10.84 3.07 -23.59
C GLY A 15 11.76 4.15 -23.11
N LYS A 16 11.25 5.12 -22.37
CA LYS A 16 12.10 6.19 -21.86
C LYS A 16 12.61 5.89 -20.46
N THR A 17 13.35 6.84 -19.88
CA THR A 17 13.97 6.66 -18.57
C THR A 17 13.39 7.63 -17.56
N VAL A 18 13.11 7.14 -16.35
CA VAL A 18 12.61 7.98 -15.27
C VAL A 18 13.48 7.83 -14.04
N THR A 19 13.58 8.91 -13.28
CA THR A 19 14.32 8.91 -12.03
C THR A 19 13.42 9.33 -10.85
N ILE A 20 13.50 8.57 -9.76
CA ILE A 20 12.80 8.88 -8.52
C ILE A 20 13.83 9.14 -7.46
N SER A 21 13.75 10.29 -6.79
CA SER A 21 14.75 10.56 -5.77
CA SER A 21 14.73 10.70 -5.79
C SER A 21 14.18 10.56 -4.37
N CYS A 22 15.08 10.47 -3.43
CA CYS A 22 14.79 10.27 -2.04
C CYS A 22 15.89 11.03 -1.30
N THR A 23 15.53 12.19 -0.73
CA THR A 23 16.50 13.06 -0.07
C THR A 23 16.47 13.01 1.45
N GLY A 24 17.66 12.88 2.00
CA GLY A 24 17.85 12.74 3.43
C GLY A 24 17.60 14.07 4.10
N SER A 25 16.98 14.00 5.27
CA SER A 25 16.65 15.19 6.04
C SER A 25 16.91 14.88 7.51
N SER A 26 17.60 15.79 8.19
CA SER A 26 17.98 15.59 9.60
C SER A 26 18.92 14.41 9.73
N GLY A 27 19.80 14.25 8.74
CA GLY A 27 20.83 13.24 8.75
C GLY A 27 21.45 13.11 7.37
N SER A 28 22.57 12.39 7.27
CA SER A 28 23.19 12.14 5.98
C SER A 28 22.73 10.80 5.36
N ILE A 29 22.41 10.87 4.07
CA ILE A 29 21.97 9.71 3.29
C ILE A 29 23.01 8.61 3.30
N ALA A 30 24.27 9.00 3.51
CA ALA A 30 25.35 8.03 3.36
C ALA A 30 25.64 7.27 4.64
N SER A 31 24.95 7.61 5.72
CA SER A 31 25.22 6.93 7.00
C SER A 31 24.66 5.51 7.07
N ASN A 32 23.66 5.19 6.25
CA ASN A 32 23.01 3.87 6.29
C ASN A 32 22.61 3.51 4.85
N TYR A 33 22.52 2.23 4.58
CA TYR A 33 22.13 1.72 3.27
C TYR A 33 20.70 2.11 2.87
N VAL A 34 20.50 2.41 1.59
CA VAL A 34 19.16 2.70 1.06
C VAL A 34 18.59 1.50 0.28
N GLN A 35 17.34 1.15 0.57
CA GLN A 35 16.62 0.13 -0.20
C GLN A 35 15.53 0.82 -1.00
N TRP A 36 15.16 0.21 -2.13
CA TRP A 36 14.01 0.62 -2.91
C TRP A 36 13.04 -0.55 -3.10
N TYR A 37 11.76 -0.26 -2.89
CA TYR A 37 10.66 -1.23 -3.06
C TYR A 37 9.66 -0.82 -4.12
N GLN A 38 9.25 -1.79 -4.93
CA GLN A 38 8.14 -1.64 -5.83
C GLN A 38 6.92 -2.20 -5.10
N GLN A 39 5.78 -1.54 -5.23
CA GLN A 39 4.57 -2.05 -4.56
C GLN A 39 3.33 -1.73 -5.36
N ARG A 40 2.51 -2.77 -5.54
CA ARG A 40 1.28 -2.67 -6.29
C ARG A 40 0.13 -2.72 -5.28
N PRO A 41 -1.08 -2.41 -5.73
CA PRO A 41 -2.13 -2.17 -4.74
C PRO A 41 -2.48 -3.41 -3.94
N GLY A 42 -2.52 -3.31 -2.61
CA GLY A 42 -2.87 -4.44 -1.75
C GLY A 42 -1.91 -5.60 -1.74
N SER A 43 -0.68 -5.33 -2.18
CA SER A 43 0.36 -6.34 -2.28
C SER A 43 1.57 -5.89 -1.52
N SER A 44 2.36 -6.86 -1.09
CA SER A 44 3.48 -6.56 -0.27
C SER A 44 4.56 -5.91 -1.15
N PRO A 45 5.45 -5.16 -0.51
CA PRO A 45 6.54 -4.52 -1.24
C PRO A 45 7.49 -5.54 -1.85
N THR A 46 7.99 -5.28 -3.06
CA THR A 46 9.03 -6.09 -3.71
C THR A 46 10.34 -5.32 -3.69
N THR A 47 11.43 -5.93 -3.21
CA THR A 47 12.72 -5.27 -3.26
C THR A 47 13.24 -5.15 -4.68
N VAL A 48 13.57 -3.93 -5.13
CA VAL A 48 14.24 -3.80 -6.43
C VAL A 48 15.72 -3.35 -6.28
N ILE A 49 16.05 -2.71 -5.18
CA ILE A 49 17.41 -2.35 -4.84
C ILE A 49 17.61 -2.50 -3.33
N TYR A 50 18.74 -3.07 -2.95
CA TYR A 50 19.20 -3.00 -1.57
C TYR A 50 20.66 -2.54 -1.53
N GLU A 51 21.13 -2.12 -0.36
CA GLU A 51 22.51 -1.65 -0.20
C GLU A 51 22.86 -0.62 -1.30
N ASP A 52 21.94 0.32 -1.49
CA ASP A 52 22.13 1.54 -2.31
C ASP A 52 22.03 1.25 -3.79
N ASN A 53 22.65 0.18 -4.25
CA ASN A 53 22.65 -0.07 -5.67
C ASN A 53 22.69 -1.56 -6.08
N GLN A 54 22.44 -2.49 -5.17
CA GLN A 54 22.44 -3.91 -5.50
C GLN A 54 21.05 -4.43 -5.92
N ARG A 55 21.00 -5.11 -7.05
CA ARG A 55 19.74 -5.71 -7.49
C ARG A 55 19.64 -7.12 -6.96
N PRO A 56 18.48 -7.47 -6.37
CA PRO A 56 18.24 -8.88 -6.06
C PRO A 56 18.25 -9.71 -7.34
N SER A 57 18.65 -10.97 -7.27
CA SER A 57 18.56 -11.87 -8.43
C SER A 57 17.16 -11.85 -9.03
N GLY A 58 17.08 -11.70 -10.35
CA GLY A 58 15.78 -11.70 -11.01
C GLY A 58 15.27 -10.31 -11.35
N VAL A 59 15.71 -9.30 -10.60
CA VAL A 59 15.25 -7.96 -10.87
C VAL A 59 15.90 -7.46 -12.15
N PRO A 60 15.11 -6.98 -13.11
CA PRO A 60 15.68 -6.54 -14.38
C PRO A 60 16.74 -5.46 -14.22
N ASP A 61 17.72 -5.43 -15.11
CA ASP A 61 18.83 -4.48 -14.97
C ASP A 61 18.43 -3.07 -15.38
N ARG A 62 17.20 -2.89 -15.82
CA ARG A 62 16.76 -1.54 -16.10
C ARG A 62 16.46 -0.79 -14.79
N PHE A 63 16.46 -1.49 -13.67
CA PHE A 63 16.35 -0.81 -12.37
C PHE A 63 17.77 -0.55 -11.84
N SER A 64 18.08 0.69 -11.53
CA SER A 64 19.37 0.98 -10.95
C SER A 64 19.25 1.97 -9.81
N GLY A 65 20.06 1.76 -8.80
CA GLY A 65 20.14 2.68 -7.68
C GLY A 65 21.46 3.44 -7.63
N SER A 66 21.42 4.63 -7.06
CA SER A 66 22.60 5.46 -6.89
C SER A 66 22.45 6.35 -5.69
N ILE A 67 23.58 6.89 -5.28
CA ILE A 67 23.66 7.87 -4.19
C ILE A 67 24.39 9.14 -4.67
N ASP A 68 23.87 10.30 -4.33
CA ASP A 68 24.48 11.61 -4.66
C ASP A 68 24.67 12.35 -3.37
N SER A 69 25.82 12.17 -2.73
CA SER A 69 26.08 12.79 -1.45
C SER A 69 26.01 14.32 -1.48
N SER A 70 26.26 14.93 -2.64
CA SER A 70 26.27 16.39 -2.74
C SER A 70 24.86 16.94 -2.61
N SER A 71 23.87 16.17 -3.06
CA SER A 71 22.49 16.54 -2.87
C SER A 71 21.87 15.77 -1.69
N ASN A 72 22.69 15.02 -0.95
CA ASN A 72 22.21 14.20 0.16
C ASN A 72 21.03 13.31 -0.28
N SER A 73 21.11 12.75 -1.47
CA SER A 73 19.99 11.96 -1.99
C SER A 73 20.40 10.60 -2.49
N ALA A 74 19.39 9.73 -2.61
CA ALA A 74 19.47 8.45 -3.31
C ALA A 74 18.46 8.54 -4.44
N SER A 75 18.74 7.85 -5.55
CA SER A 75 17.86 7.82 -6.69
C SER A 75 17.61 6.40 -7.21
N LEU A 76 16.36 6.14 -7.61
CA LEU A 76 16.03 4.93 -8.36
C LEU A 76 15.80 5.40 -9.80
N THR A 77 16.56 4.84 -10.71
CA THR A 77 16.42 5.12 -12.13
C THR A 77 15.87 3.90 -12.85
N ILE A 78 14.80 4.10 -13.61
CA ILE A 78 14.24 3.04 -14.45
C ILE A 78 14.36 3.40 -15.91
N SER A 79 15.14 2.62 -16.64
CA SER A 79 15.32 2.82 -18.07
C SER A 79 14.44 1.85 -18.88
N GLY A 80 14.22 2.19 -20.15
CA GLY A 80 13.40 1.36 -21.01
C GLY A 80 12.08 1.04 -20.37
N LEU A 81 11.46 2.09 -19.85
CA LEU A 81 10.26 1.95 -19.09
C LEU A 81 9.22 1.02 -19.73
N LYS A 82 8.64 0.14 -18.93
CA LYS A 82 7.55 -0.71 -19.38
C LYS A 82 6.27 -0.35 -18.67
N THR A 83 5.14 -0.67 -19.31
CA THR A 83 3.84 -0.46 -18.72
C THR A 83 3.70 -1.16 -17.39
N GLU A 84 4.32 -2.34 -17.27
CA GLU A 84 4.24 -3.12 -16.03
C GLU A 84 5.00 -2.48 -14.87
N ASP A 85 5.82 -1.47 -15.17
CA ASP A 85 6.53 -0.71 -14.14
C ASP A 85 5.63 0.28 -13.39
N GLU A 86 4.45 0.60 -13.95
CA GLU A 86 3.55 1.52 -13.26
C GLU A 86 3.20 0.93 -11.89
N ALA A 87 3.51 1.68 -10.85
CA ALA A 87 3.44 1.19 -9.48
C ALA A 87 3.87 2.29 -8.51
N ASP A 88 3.76 2.03 -7.21
CA ASP A 88 4.41 2.88 -6.22
C ASP A 88 5.81 2.41 -5.89
N TYR A 89 6.69 3.38 -5.61
CA TYR A 89 8.04 3.08 -5.20
C TYR A 89 8.39 3.82 -3.92
N TYR A 90 9.00 3.09 -3.00
CA TYR A 90 9.39 3.60 -1.69
C TYR A 90 10.87 3.40 -1.49
N CYS A 91 11.57 4.45 -1.07
CA CYS A 91 12.89 4.28 -0.53
C CYS A 91 12.81 4.05 0.95
N GLN A 92 13.86 3.47 1.50
CA GLN A 92 13.85 3.03 2.87
C GLN A 92 15.26 2.92 3.40
N SER A 93 15.45 3.35 4.64
CA SER A 93 16.75 3.25 5.26
C SER A 93 16.54 3.18 6.76
N TYR A 94 17.53 3.62 7.52
CA TYR A 94 17.49 3.56 9.00
C TYR A 94 17.90 4.86 9.62
N ASP A 95 17.38 5.16 10.82
CA ASP A 95 17.82 6.36 11.54
C ASP A 95 18.95 6.01 12.51
N SER A 96 19.40 7.00 13.28
CA SER A 96 20.58 6.82 14.13
C SER A 96 20.33 5.79 15.24
N SER A 97 19.06 5.45 15.47
CA SER A 97 18.71 4.36 16.37
C SER A 97 18.47 3.04 15.64
N ASN A 98 18.92 2.93 14.40
CA ASN A 98 18.73 1.72 13.61
C ASN A 98 17.26 1.33 13.45
N HIS A 99 16.35 2.29 13.60
CA HIS A 99 14.94 2.03 13.30
C HIS A 99 14.67 2.35 11.84
N VAL A 100 13.68 1.67 11.28
CA VAL A 100 13.33 1.79 9.87
C VAL A 100 12.68 3.11 9.54
N VAL A 101 13.13 3.72 8.46
CA VAL A 101 12.55 4.96 7.93
C VAL A 101 12.17 4.73 6.47
N PHE A 102 10.92 5.01 6.15
CA PHE A 102 10.42 5.03 4.77
C PHE A 102 10.24 6.42 4.20
N GLY A 103 10.60 6.59 2.94
CA GLY A 103 10.14 7.70 2.15
C GLY A 103 8.61 7.71 2.02
N GLY A 104 8.06 8.83 1.60
CA GLY A 104 6.61 9.00 1.50
C GLY A 104 6.05 8.29 0.29
N GLY A 105 6.93 7.86 -0.60
CA GLY A 105 6.49 7.15 -1.77
C GLY A 105 6.25 7.99 -3.00
N THR A 106 6.46 7.34 -4.13
CA THR A 106 6.24 7.95 -5.42
C THR A 106 5.40 7.05 -6.30
N LYS A 107 4.39 7.62 -6.94
CA LYS A 107 3.62 6.89 -7.93
C LYS A 107 4.19 7.18 -9.30
N LEU A 108 4.64 6.12 -9.96
CA LEU A 108 5.06 6.16 -11.33
C LEU A 108 3.92 5.80 -12.27
N THR A 109 3.59 6.72 -13.17
CA THR A 109 2.60 6.50 -14.22
C THR A 109 3.29 6.33 -15.56
N VAL A 110 2.98 5.25 -16.29
CA VAL A 110 3.55 5.08 -17.61
C VAL A 110 2.51 5.55 -18.62
N LEU A 111 2.85 6.58 -19.39
CA LEU A 111 1.91 7.28 -20.26
C LEU A 111 1.53 6.48 -21.49
N ASN B 1 -20.97 -29.92 -11.39
CA ASN B 1 -22.05 -30.67 -10.68
C ASN B 1 -22.13 -30.20 -9.22
N PHE B 2 -23.32 -30.30 -8.62
CA PHE B 2 -23.49 -29.90 -7.23
C PHE B 2 -22.47 -30.61 -6.35
N MET B 3 -21.82 -29.86 -5.48
CA MET B 3 -20.78 -30.40 -4.63
C MET B 3 -20.98 -29.92 -3.25
N LEU B 4 -20.52 -30.71 -2.30
CA LEU B 4 -20.46 -30.28 -0.91
C LEU B 4 -19.04 -30.30 -0.38
N THR B 5 -18.64 -29.23 0.32
CA THR B 5 -17.28 -29.11 0.81
C THR B 5 -17.23 -28.87 2.31
N GLN B 6 -16.42 -29.71 2.94
CA GLN B 6 -16.21 -29.88 4.38
C GLN B 6 -14.74 -29.75 4.66
N PRO B 7 -14.35 -29.12 5.78
CA PRO B 7 -12.91 -29.21 6.12
C PRO B 7 -12.45 -30.65 6.45
N HIS B 8 -11.19 -31.02 6.26
CA HIS B 8 -10.83 -32.39 6.57
C HIS B 8 -10.80 -32.66 8.11
N SER B 9 -10.64 -31.63 8.93
CA SER B 9 -10.46 -31.86 10.38
C SER B 9 -11.06 -30.81 11.24
N VAL B 10 -11.44 -31.21 12.45
CA VAL B 10 -11.86 -30.28 13.50
C VAL B 10 -11.58 -30.93 14.85
N SER B 11 -11.24 -30.11 15.84
CA SER B 11 -10.92 -30.61 17.18
C SER B 11 -11.62 -29.75 18.20
N GLU B 12 -12.09 -30.36 19.27
CA GLU B 12 -12.65 -29.62 20.40
C GLU B 12 -12.58 -30.49 21.68
N SER B 13 -12.78 -29.89 22.84
CA SER B 13 -12.59 -30.59 24.11
C SER B 13 -13.90 -31.16 24.66
N PRO B 14 -13.82 -32.24 25.48
CA PRO B 14 -15.06 -32.76 26.08
C PRO B 14 -15.84 -31.69 26.77
N GLY B 15 -17.17 -31.80 26.73
CA GLY B 15 -18.06 -30.84 27.34
C GLY B 15 -18.42 -29.65 26.47
N LYS B 16 -17.55 -29.31 25.53
CA LYS B 16 -17.76 -28.17 24.66
C LYS B 16 -18.69 -28.49 23.49
N THR B 17 -18.87 -27.50 22.63
CA THR B 17 -19.71 -27.60 21.45
C THR B 17 -18.87 -27.43 20.23
N VAL B 18 -19.13 -28.26 19.22
CA VAL B 18 -18.41 -28.12 17.99
C VAL B 18 -19.39 -28.07 16.84
N THR B 19 -19.00 -27.35 15.80
CA THR B 19 -19.76 -27.26 14.56
C THR B 19 -18.95 -27.71 13.36
N ILE B 20 -19.61 -28.50 12.53
CA ILE B 20 -19.03 -29.00 11.30
C ILE B 20 -19.94 -28.52 10.17
N SER B 21 -19.39 -27.82 9.19
CA SER B 21 -20.25 -27.30 8.13
C SER B 21 -19.90 -27.81 6.78
N CYS B 22 -20.92 -27.88 5.92
CA CYS B 22 -20.77 -28.22 4.52
C CYS B 22 -21.25 -27.03 3.73
N THR B 23 -20.46 -26.60 2.74
CA THR B 23 -20.87 -25.53 1.85
C THR B 23 -21.10 -26.09 0.46
N GLY B 24 -22.25 -25.74 -0.11
CA GLY B 24 -22.62 -26.25 -1.40
C GLY B 24 -22.11 -25.34 -2.47
N SER B 25 -21.86 -25.91 -3.65
CA SER B 25 -21.53 -25.12 -4.83
C SER B 25 -22.17 -25.78 -6.04
N SER B 26 -22.43 -24.97 -7.08
CA SER B 26 -23.10 -25.43 -8.28
C SER B 26 -24.49 -25.93 -7.95
N GLY B 27 -25.14 -25.23 -7.04
CA GLY B 27 -26.51 -25.54 -6.64
C GLY B 27 -26.80 -24.87 -5.32
N SER B 28 -28.09 -24.69 -5.01
CA SER B 28 -28.50 -24.16 -3.73
C SER B 28 -28.68 -25.24 -2.66
N ILE B 29 -28.16 -24.98 -1.47
CA ILE B 29 -28.14 -25.95 -0.38
C ILE B 29 -29.55 -26.38 -0.02
N ALA B 30 -30.51 -25.48 -0.20
CA ALA B 30 -31.91 -25.71 0.13
C ALA B 30 -32.68 -26.54 -0.92
N SER B 31 -32.11 -26.76 -2.10
CA SER B 31 -32.82 -27.51 -3.12
C SER B 31 -33.06 -28.98 -2.72
N ASN B 32 -32.21 -29.55 -1.87
CA ASN B 32 -32.35 -30.94 -1.49
C ASN B 32 -31.95 -31.13 -0.04
N TYR B 33 -32.51 -32.16 0.58
CA TYR B 33 -32.26 -32.48 1.98
C TYR B 33 -30.81 -32.85 2.22
N VAL B 34 -30.30 -32.45 3.38
CA VAL B 34 -28.98 -32.82 3.82
C VAL B 34 -29.04 -33.85 4.94
N GLN B 35 -28.27 -34.90 4.78
CA GLN B 35 -28.09 -35.91 5.81
C GLN B 35 -26.67 -35.79 6.37
N TRP B 36 -26.52 -36.18 7.64
CA TRP B 36 -25.21 -36.25 8.28
C TRP B 36 -24.99 -37.65 8.78
N TYR B 37 -23.81 -38.21 8.51
CA TYR B 37 -23.44 -39.54 9.00
C TYR B 37 -22.22 -39.49 9.92
N GLN B 38 -22.23 -40.37 10.90
CA GLN B 38 -21.04 -40.69 11.66
C GLN B 38 -20.42 -41.96 11.08
N GLN B 39 -19.10 -41.96 10.92
CA GLN B 39 -18.44 -43.18 10.47
C GLN B 39 -17.20 -43.47 11.31
N ARG B 40 -17.24 -44.61 11.99
CA ARG B 40 -16.08 -45.08 12.73
C ARG B 40 -15.17 -45.87 11.80
N PRO B 41 -13.89 -45.97 12.16
CA PRO B 41 -12.92 -46.54 11.22
C PRO B 41 -13.29 -47.97 10.84
N GLY B 42 -13.42 -48.23 9.55
CA GLY B 42 -13.63 -49.60 9.07
C GLY B 42 -15.08 -50.04 9.13
N SER B 43 -15.97 -49.11 9.51
CA SER B 43 -17.38 -49.45 9.78
C SER B 43 -18.34 -48.71 8.84
N SER B 44 -19.54 -49.24 8.65
CA SER B 44 -20.46 -48.56 7.77
C SER B 44 -20.95 -47.26 8.42
N PRO B 45 -21.31 -46.26 7.62
CA PRO B 45 -21.81 -45.02 8.21
C PRO B 45 -23.15 -45.23 8.94
N THR B 46 -23.38 -44.47 9.99
CA THR B 46 -24.70 -44.44 10.61
C THR B 46 -25.27 -42.99 10.56
N THR B 47 -26.59 -42.87 10.42
CA THR B 47 -27.25 -41.58 10.34
C THR B 47 -27.24 -40.91 11.69
N VAL B 48 -26.80 -39.67 11.76
CA VAL B 48 -27.10 -38.85 12.95
C VAL B 48 -28.18 -37.81 12.66
N ILE B 49 -28.24 -37.33 11.43
CA ILE B 49 -29.25 -36.36 11.00
C ILE B 49 -29.74 -36.72 9.58
N TYR B 50 -31.04 -36.65 9.38
CA TYR B 50 -31.59 -36.72 8.02
C TYR B 50 -32.60 -35.59 7.76
N GLU B 51 -32.92 -35.33 6.50
CA GLU B 51 -33.87 -34.24 6.16
C GLU B 51 -33.54 -32.96 6.91
N ASP B 52 -32.28 -32.58 6.85
CA ASP B 52 -31.72 -31.32 7.34
C ASP B 52 -31.52 -31.30 8.85
N ASN B 53 -32.52 -31.74 9.61
CA ASN B 53 -32.46 -31.54 11.03
C ASN B 53 -33.24 -32.59 11.85
N GLN B 54 -33.65 -33.69 11.22
CA GLN B 54 -34.33 -34.79 11.93
C GLN B 54 -33.34 -35.78 12.56
N ARG B 55 -33.52 -36.09 13.83
CA ARG B 55 -32.73 -37.09 14.50
C ARG B 55 -33.40 -38.48 14.43
N PRO B 56 -32.67 -39.51 13.99
CA PRO B 56 -33.20 -40.87 14.18
C PRO B 56 -33.38 -41.22 15.66
N SER B 57 -34.26 -42.16 15.97
CA SER B 57 -34.42 -42.54 17.38
C SER B 57 -33.09 -43.10 17.87
N GLY B 58 -32.78 -42.85 19.13
CA GLY B 58 -31.50 -43.24 19.68
C GLY B 58 -30.40 -42.20 19.59
N VAL B 59 -30.50 -41.27 18.65
CA VAL B 59 -29.52 -40.19 18.54
C VAL B 59 -29.92 -39.10 19.55
N PRO B 60 -29.04 -38.77 20.51
CA PRO B 60 -29.41 -37.76 21.51
C PRO B 60 -29.53 -36.34 20.93
N ASP B 61 -30.25 -35.47 21.63
CA ASP B 61 -30.59 -34.15 21.10
C ASP B 61 -29.39 -33.18 21.17
N ARG B 62 -28.27 -33.61 21.72
CA ARG B 62 -27.06 -32.79 21.59
C ARG B 62 -26.49 -32.83 20.15
N PHE B 63 -26.98 -33.74 19.32
CA PHE B 63 -26.73 -33.63 17.87
C PHE B 63 -27.85 -32.82 17.20
N SER B 64 -27.46 -31.75 16.49
CA SER B 64 -28.39 -30.85 15.78
C SER B 64 -27.94 -30.53 14.37
N GLY B 65 -28.88 -30.59 13.43
CA GLY B 65 -28.65 -30.16 12.07
C GLY B 65 -29.30 -28.82 11.76
N SER B 66 -28.67 -28.03 10.89
CA SER B 66 -29.22 -26.74 10.52
C SER B 66 -28.79 -26.36 9.10
N ILE B 67 -29.54 -25.42 8.51
CA ILE B 67 -29.30 -24.93 7.15
C ILE B 67 -29.19 -23.41 7.21
N ASP B 68 -28.18 -22.88 6.55
CA ASP B 68 -27.99 -21.43 6.43
C ASP B 68 -27.93 -21.10 4.94
N SER B 69 -29.09 -20.74 4.41
CA SER B 69 -29.21 -20.45 2.99
C SER B 69 -28.35 -19.20 2.64
N SER B 70 -28.22 -18.31 3.61
CA SER B 70 -27.49 -17.06 3.35
C SER B 70 -26.01 -17.36 3.12
N SER B 71 -25.55 -18.52 3.57
CA SER B 71 -24.17 -18.98 3.35
C SER B 71 -24.08 -20.17 2.42
N ASN B 72 -25.22 -20.58 1.89
CA ASN B 72 -25.31 -21.82 1.10
C ASN B 72 -24.67 -23.02 1.83
N SER B 73 -24.86 -23.07 3.14
CA SER B 73 -24.25 -24.11 3.97
C SER B 73 -25.25 -24.91 4.79
N ALA B 74 -24.82 -26.11 5.19
CA ALA B 74 -25.49 -26.93 6.19
C ALA B 74 -24.53 -27.12 7.37
N SER B 75 -25.04 -27.25 8.58
CA SER B 75 -24.15 -27.54 9.71
C SER B 75 -24.64 -28.63 10.64
N LEU B 76 -23.68 -29.45 11.09
CA LEU B 76 -23.89 -30.36 12.18
C LEU B 76 -23.29 -29.76 13.43
N THR B 77 -24.08 -29.69 14.50
CA THR B 77 -23.59 -29.16 15.75
C THR B 77 -23.72 -30.19 16.85
N ILE B 78 -22.61 -30.41 17.56
CA ILE B 78 -22.59 -31.37 18.65
C ILE B 78 -22.22 -30.69 19.95
N SER B 79 -23.15 -30.68 20.89
CA SER B 79 -22.89 -30.15 22.21
C SER B 79 -22.62 -31.27 23.21
N GLY B 80 -22.09 -30.91 24.38
CA GLY B 80 -21.86 -31.88 25.44
C GLY B 80 -20.94 -32.97 24.96
N LEU B 81 -19.98 -32.55 24.18
CA LEU B 81 -19.08 -33.42 23.44
C LEU B 81 -18.49 -34.50 24.33
N LYS B 82 -18.56 -35.74 23.87
CA LYS B 82 -18.01 -36.88 24.60
C LYS B 82 -16.88 -37.46 23.80
N THR B 83 -15.94 -38.10 24.48
CA THR B 83 -14.80 -38.68 23.78
C THR B 83 -15.29 -39.71 22.78
N GLU B 84 -16.40 -40.37 23.06
CA GLU B 84 -16.92 -41.37 22.12
C GLU B 84 -17.43 -40.76 20.82
N ASP B 85 -17.59 -39.44 20.79
CA ASP B 85 -17.99 -38.77 19.56
C ASP B 85 -16.88 -38.64 18.53
N GLU B 86 -15.67 -38.99 18.93
CA GLU B 86 -14.54 -38.96 18.02
C GLU B 86 -14.74 -39.97 16.90
N ALA B 87 -14.80 -39.45 15.67
CA ALA B 87 -15.20 -40.20 14.47
C ALA B 87 -15.13 -39.28 13.27
N ASP B 88 -15.30 -39.85 12.09
CA ASP B 88 -15.53 -39.06 10.89
C ASP B 88 -17.02 -38.71 10.77
N TYR B 89 -17.28 -37.50 10.27
CA TYR B 89 -18.63 -37.02 9.97
C TYR B 89 -18.73 -36.56 8.53
N TYR B 90 -19.76 -37.03 7.84
CA TYR B 90 -20.07 -36.67 6.46
C TYR B 90 -21.42 -35.99 6.29
N CYS B 91 -21.46 -34.95 5.45
CA CYS B 91 -22.74 -34.44 4.98
C CYS B 91 -23.01 -35.09 3.64
N GLN B 92 -24.27 -35.11 3.25
CA GLN B 92 -24.69 -35.82 2.05
C GLN B 92 -25.99 -35.23 1.54
N SER B 93 -26.11 -35.10 0.23
CA SER B 93 -27.36 -34.67 -0.35
C SER B 93 -27.47 -35.23 -1.79
N TYR B 94 -28.16 -34.51 -2.65
CA TYR B 94 -28.37 -34.94 -4.02
C TYR B 94 -28.08 -33.79 -5.00
N ASP B 95 -27.60 -34.12 -6.20
CA ASP B 95 -27.40 -33.13 -7.25
C ASP B 95 -28.69 -32.95 -8.07
N SER B 96 -28.60 -32.16 -9.15
CA SER B 96 -29.78 -31.84 -9.96
C SER B 96 -30.36 -33.06 -10.67
N SER B 97 -29.57 -34.12 -10.81
CA SER B 97 -30.07 -35.38 -11.34
C SER B 97 -30.54 -36.33 -10.24
N ASN B 98 -30.67 -35.80 -9.04
CA ASN B 98 -31.06 -36.59 -7.87
C ASN B 98 -30.10 -37.75 -7.54
N HIS B 99 -28.84 -37.62 -7.95
CA HIS B 99 -27.79 -38.56 -7.57
C HIS B 99 -27.05 -38.14 -6.29
N VAL B 100 -26.56 -39.11 -5.53
CA VAL B 100 -25.96 -38.85 -4.23
C VAL B 100 -24.72 -38.01 -4.37
N VAL B 101 -24.56 -37.07 -3.45
CA VAL B 101 -23.33 -36.28 -3.32
C VAL B 101 -22.90 -36.35 -1.86
N PHE B 102 -21.62 -36.64 -1.62
CA PHE B 102 -21.03 -36.64 -0.28
C PHE B 102 -20.06 -35.47 -0.11
N GLY B 103 -20.04 -34.84 1.05
CA GLY B 103 -18.87 -34.05 1.44
C GLY B 103 -17.64 -34.95 1.63
N GLY B 104 -16.45 -34.35 1.77
CA GLY B 104 -15.22 -35.12 1.79
C GLY B 104 -14.96 -35.74 3.15
N GLY B 105 -15.77 -35.36 4.12
CA GLY B 105 -15.69 -35.88 5.48
C GLY B 105 -14.83 -35.04 6.41
N THR B 106 -15.24 -34.94 7.68
CA THR B 106 -14.48 -34.20 8.71
C THR B 106 -14.12 -35.13 9.87
N LYS B 107 -12.82 -35.29 10.19
CA LYS B 107 -12.42 -36.00 11.38
CA LYS B 107 -12.43 -36.02 11.41
C LYS B 107 -12.60 -35.12 12.62
N LEU B 108 -13.44 -35.54 13.54
CA LEU B 108 -13.61 -34.86 14.78
C LEU B 108 -12.67 -35.51 15.78
N THR B 109 -11.72 -34.74 16.29
CA THR B 109 -10.87 -35.20 17.39
C THR B 109 -11.38 -34.59 18.67
N VAL B 110 -11.56 -35.39 19.70
CA VAL B 110 -12.12 -34.88 20.94
C VAL B 110 -10.96 -34.84 21.92
N LEU B 111 -10.63 -33.62 22.34
CA LEU B 111 -9.39 -33.30 23.04
C LEU B 111 -9.49 -33.58 24.50
N ASN C 1 -5.87 41.18 5.90
CA ASN C 1 -5.32 41.09 7.28
C ASN C 1 -3.81 40.78 7.25
N PHE C 2 -3.25 40.37 8.38
CA PHE C 2 -1.80 40.17 8.50
C PHE C 2 -1.21 39.43 7.32
N MET C 3 -0.14 39.96 6.75
CA MET C 3 0.56 39.13 5.78
C MET C 3 2.07 39.19 5.88
N LEU C 4 2.72 38.26 5.17
CA LEU C 4 4.15 38.07 5.20
C LEU C 4 4.72 38.18 3.79
N THR C 5 5.70 39.04 3.64
CA THR C 5 6.32 39.33 2.35
C THR C 5 7.73 38.77 2.32
N GLN C 6 7.96 37.94 1.32
CA GLN C 6 9.21 37.28 1.15
C GLN C 6 9.75 37.62 -0.23
N PRO C 7 11.08 37.78 -0.37
CA PRO C 7 11.65 37.87 -1.72
C PRO C 7 11.58 36.49 -2.40
N HIS C 8 11.30 36.45 -3.69
CA HIS C 8 11.05 35.17 -4.34
C HIS C 8 12.36 34.39 -4.62
N SER C 9 13.51 35.07 -4.69
CA SER C 9 14.74 34.39 -5.11
C SER C 9 15.98 34.89 -4.38
N VAL C 10 16.84 33.95 -4.01
CA VAL C 10 18.17 34.28 -3.47
C VAL C 10 19.16 33.23 -3.94
N SER C 11 20.42 33.65 -4.06
CA SER C 11 21.49 32.72 -4.47
C SER C 11 22.76 33.03 -3.72
N GLU C 12 23.51 31.98 -3.38
CA GLU C 12 24.76 32.13 -2.66
C GLU C 12 25.59 30.87 -2.92
N SER C 13 26.90 30.97 -2.69
CA SER C 13 27.83 29.87 -2.93
C SER C 13 27.99 28.97 -1.71
N PRO C 14 28.37 27.69 -1.91
CA PRO C 14 28.59 26.79 -0.78
C PRO C 14 29.57 27.37 0.24
N GLY C 15 29.33 27.09 1.51
CA GLY C 15 30.20 27.58 2.56
C GLY C 15 29.88 28.99 3.04
N LYS C 16 29.14 29.75 2.24
CA LYS C 16 28.76 31.10 2.63
C LYS C 16 27.52 31.11 3.52
N THR C 17 27.14 32.29 3.98
CA THR C 17 25.92 32.45 4.79
C THR C 17 24.89 33.22 3.96
N VAL C 18 23.65 32.76 4.03
CA VAL C 18 22.56 33.41 3.33
C VAL C 18 21.46 33.72 4.34
N THR C 19 20.80 34.86 4.13
CA THR C 19 19.68 35.29 4.99
C THR C 19 18.42 35.49 4.15
N ILE C 20 17.33 34.90 4.60
CA ILE C 20 16.04 35.00 3.95
C ILE C 20 15.09 35.71 4.90
N SER C 21 14.51 36.82 4.48
CA SER C 21 13.65 37.65 5.32
CA SER C 21 13.63 37.55 5.38
C SER C 21 12.17 37.54 4.97
N CYS C 22 11.32 37.80 5.96
CA CYS C 22 9.88 37.78 5.84
C CYS C 22 9.41 38.97 6.65
N THR C 23 8.80 39.94 5.97
CA THR C 23 8.33 41.15 6.62
C THR C 23 6.80 41.18 6.77
N GLY C 24 6.34 41.52 7.96
CA GLY C 24 4.93 41.63 8.23
C GLY C 24 4.34 42.94 7.72
N SER C 25 3.05 42.90 7.42
CA SER C 25 2.25 44.09 7.20
C SER C 25 0.82 43.79 7.69
N SER C 26 0.07 44.85 7.98
CA SER C 26 -1.25 44.75 8.62
C SER C 26 -1.15 44.01 9.94
N GLY C 27 -0.08 44.29 10.67
CA GLY C 27 0.12 43.66 11.96
C GLY C 27 1.59 43.57 12.31
N SER C 28 1.86 43.25 13.58
CA SER C 28 3.22 43.15 14.10
C SER C 28 3.71 41.71 14.03
N ILE C 29 4.94 41.55 13.54
CA ILE C 29 5.57 40.25 13.44
C ILE C 29 5.63 39.57 14.80
N ALA C 30 5.63 40.34 15.88
CA ALA C 30 5.83 39.78 17.22
C ALA C 30 4.57 39.20 17.82
N SER C 31 3.42 39.49 17.22
CA SER C 31 2.16 39.06 17.80
C SER C 31 1.92 37.56 17.74
N ASN C 32 2.59 36.86 16.81
CA ASN C 32 2.45 35.41 16.70
C ASN C 32 3.76 34.73 16.31
N TYR C 33 3.89 33.46 16.63
CA TYR C 33 5.12 32.73 16.33
C TYR C 33 5.34 32.62 14.84
N VAL C 34 6.59 32.71 14.44
CA VAL C 34 6.98 32.44 13.07
C VAL C 34 7.60 31.05 12.92
N GLN C 35 7.11 30.31 11.93
CA GLN C 35 7.68 29.03 11.53
C GLN C 35 8.40 29.18 10.19
N TRP C 36 9.45 28.38 9.98
CA TRP C 36 10.12 28.29 8.68
C TRP C 36 10.13 26.84 8.20
N TYR C 37 9.73 26.68 6.94
CA TYR C 37 9.73 25.39 6.26
C TYR C 37 10.65 25.35 5.07
N GLN C 38 11.26 24.19 4.91
CA GLN C 38 11.97 23.84 3.71
C GLN C 38 11.06 22.92 2.87
N GLN C 39 11.09 23.12 1.56
CA GLN C 39 10.23 22.33 0.69
C GLN C 39 10.90 22.04 -0.62
N ARG C 40 10.90 20.76 -0.96
CA ARG C 40 11.52 20.30 -2.18
C ARG C 40 10.41 19.99 -3.16
N PRO C 41 10.76 19.85 -4.43
CA PRO C 41 9.70 19.73 -5.44
C PRO C 41 8.83 18.50 -5.26
N GLY C 42 7.52 18.71 -5.30
CA GLY C 42 6.59 17.60 -5.19
C GLY C 42 6.56 16.93 -3.84
N SER C 43 7.13 17.61 -2.83
CA SER C 43 7.22 17.08 -1.47
C SER C 43 6.59 18.01 -0.45
N SER C 44 6.17 17.45 0.68
CA SER C 44 5.53 18.25 1.70
C SER C 44 6.59 19.10 2.39
N PRO C 45 6.17 20.22 3.00
CA PRO C 45 7.11 21.10 3.71
C PRO C 45 7.69 20.44 4.96
N THR C 46 8.97 20.66 5.25
CA THR C 46 9.56 20.14 6.47
C THR C 46 9.97 21.31 7.35
N THR C 47 9.70 21.19 8.65
CA THR C 47 9.88 22.28 9.58
C THR C 47 11.35 22.45 9.84
N VAL C 48 11.87 23.67 9.71
CA VAL C 48 13.26 23.87 10.11
C VAL C 48 13.34 24.82 11.30
N ILE C 49 12.33 25.66 11.48
CA ILE C 49 12.23 26.55 12.62
C ILE C 49 10.79 26.64 13.05
N TYR C 50 10.54 26.55 14.36
CA TYR C 50 9.24 26.88 14.90
C TYR C 50 9.42 27.81 16.08
N GLU C 51 8.33 28.48 16.46
CA GLU C 51 8.35 29.44 17.56
C GLU C 51 9.56 30.37 17.41
N ASP C 52 9.64 31.01 16.24
CA ASP C 52 10.63 32.05 15.92
C ASP C 52 12.07 31.58 15.73
N ASN C 53 12.58 30.77 16.66
CA ASN C 53 13.98 30.39 16.62
C ASN C 53 14.33 28.99 17.17
N GLN C 54 13.34 28.12 17.35
CA GLN C 54 13.60 26.76 17.84
C GLN C 54 13.78 25.79 16.67
N ARG C 55 14.84 24.96 16.74
CA ARG C 55 15.03 23.88 15.76
C ARG C 55 14.39 22.58 16.23
N PRO C 56 13.63 21.90 15.35
CA PRO C 56 13.29 20.51 15.70
C PRO C 56 14.51 19.66 15.92
N SER C 57 14.36 18.63 16.74
CA SER C 57 15.44 17.68 16.97
C SER C 57 15.98 17.19 15.63
N GLY C 58 17.27 17.37 15.39
CA GLY C 58 17.92 16.78 14.22
C GLY C 58 18.20 17.78 13.12
N VAL C 59 17.50 18.90 13.16
CA VAL C 59 17.81 19.96 12.22
C VAL C 59 19.16 20.53 12.58
N PRO C 60 20.08 20.61 11.60
CA PRO C 60 21.41 21.14 11.89
C PRO C 60 21.42 22.59 12.35
N ASP C 61 22.36 22.90 13.23
CA ASP C 61 22.45 24.25 13.75
C ASP C 61 22.94 25.28 12.72
N ARG C 62 23.23 24.85 11.48
CA ARG C 62 23.48 25.78 10.37
C ARG C 62 22.26 26.66 10.09
N PHE C 63 21.10 26.16 10.48
CA PHE C 63 19.84 26.89 10.36
C PHE C 63 19.49 27.63 11.62
N SER C 64 19.21 28.92 11.52
CA SER C 64 18.76 29.65 12.69
C SER C 64 17.69 30.67 12.31
N GLY C 65 16.78 30.89 13.24
CA GLY C 65 15.71 31.85 13.05
C GLY C 65 15.88 33.05 13.95
N SER C 66 15.40 34.22 13.51
CA SER C 66 15.47 35.42 14.33
C SER C 66 14.31 36.34 14.03
N ILE C 67 14.02 37.24 14.98
CA ILE C 67 12.98 38.26 14.83
C ILE C 67 13.61 39.64 14.99
N ASP C 68 13.29 40.56 14.09
CA ASP C 68 13.73 41.94 14.21
C ASP C 68 12.50 42.83 14.22
N SER C 69 12.06 43.19 15.43
CA SER C 69 10.77 43.87 15.59
C SER C 69 10.75 45.28 15.00
N SER C 70 11.91 45.91 14.88
CA SER C 70 12.00 47.27 14.41
C SER C 70 11.88 47.31 12.90
N SER C 71 12.25 46.23 12.21
CA SER C 71 11.96 46.16 10.79
C SER C 71 10.66 45.35 10.53
N ASN C 72 9.98 44.97 11.61
CA ASN C 72 8.78 44.13 11.56
C ASN C 72 9.01 42.87 10.72
N SER C 73 10.16 42.23 10.90
CA SER C 73 10.52 41.10 10.05
C SER C 73 11.03 39.89 10.85
N ALA C 74 11.05 38.75 10.18
CA ALA C 74 11.62 37.50 10.68
C ALA C 74 12.63 37.08 9.65
N SER C 75 13.70 36.45 10.11
CA SER C 75 14.77 35.97 9.23
C SER C 75 15.19 34.51 9.45
N LEU C 76 15.37 33.80 8.33
CA LEU C 76 16.01 32.49 8.35
C LEU C 76 17.43 32.67 7.83
N THR C 77 18.41 32.32 8.68
CA THR C 77 19.82 32.38 8.30
C THR C 77 20.37 30.97 8.17
N ILE C 78 21.02 30.71 7.04
CA ILE C 78 21.67 29.43 6.80
C ILE C 78 23.16 29.69 6.63
N SER C 79 23.96 29.21 7.58
CA SER C 79 25.42 29.28 7.51
C SER C 79 26.01 28.03 6.88
N GLY C 80 27.27 28.12 6.44
CA GLY C 80 27.95 26.96 5.90
C GLY C 80 27.12 26.25 4.84
N LEU C 81 26.53 27.05 3.95
CA LEU C 81 25.66 26.55 2.91
C LEU C 81 26.20 25.32 2.20
N LYS C 82 25.33 24.33 2.09
CA LYS C 82 25.59 23.14 1.30
C LYS C 82 24.74 23.08 0.05
N THR C 83 25.24 22.39 -0.97
CA THR C 83 24.48 22.27 -2.20
C THR C 83 23.09 21.68 -1.92
N GLU C 84 22.98 20.82 -0.90
CA GLU C 84 21.69 20.18 -0.57
C GLU C 84 20.65 21.14 -0.01
N ASP C 85 21.08 22.33 0.37
CA ASP C 85 20.16 23.30 0.95
C ASP C 85 19.33 23.97 -0.15
N GLU C 86 19.69 23.76 -1.41
CA GLU C 86 18.92 24.35 -2.49
C GLU C 86 17.49 23.79 -2.44
N ALA C 87 16.55 24.69 -2.18
CA ALA C 87 15.17 24.35 -1.97
C ALA C 87 14.40 25.65 -1.86
N ASP C 88 13.09 25.53 -1.73
CA ASP C 88 12.22 26.65 -1.39
C ASP C 88 12.08 26.73 0.11
N TYR C 89 12.00 27.95 0.63
CA TYR C 89 11.83 28.20 2.03
C TYR C 89 10.65 29.16 2.28
N TYR C 90 9.76 28.77 3.19
CA TYR C 90 8.56 29.54 3.52
C TYR C 90 8.53 29.93 4.99
N CYS C 91 8.21 31.21 5.26
CA CYS C 91 7.86 31.59 6.62
C CYS C 91 6.36 31.46 6.78
N GLN C 92 5.92 31.27 8.00
CA GLN C 92 4.50 31.04 8.27
C GLN C 92 4.15 31.50 9.65
N SER C 93 2.99 32.13 9.78
CA SER C 93 2.55 32.55 11.08
C SER C 93 1.02 32.55 11.08
N TYR C 94 0.43 33.44 11.88
CA TYR C 94 -1.02 33.49 12.00
C TYR C 94 -1.50 34.93 12.00
N ASP C 95 -2.76 35.14 11.59
CA ASP C 95 -3.34 36.47 11.63
C ASP C 95 -4.14 36.67 12.91
N SER C 96 -4.85 37.80 13.02
CA SER C 96 -5.59 38.15 14.23
C SER C 96 -6.70 37.14 14.51
N SER C 97 -7.12 36.40 13.50
CA SER C 97 -8.18 35.39 13.64
C SER C 97 -7.63 33.97 13.84
N ASN C 98 -6.32 33.89 14.07
CA ASN C 98 -5.60 32.61 14.21
C ASN C 98 -5.62 31.76 12.95
N HIS C 99 -5.77 32.38 11.78
CA HIS C 99 -5.68 31.67 10.53
C HIS C 99 -4.25 31.70 10.00
N VAL C 100 -3.87 30.64 9.32
CA VAL C 100 -2.52 30.49 8.79
C VAL C 100 -2.27 31.51 7.72
N VAL C 101 -1.11 32.16 7.85
CA VAL C 101 -0.58 33.01 6.85
C VAL C 101 0.79 32.50 6.43
N PHE C 102 0.95 32.30 5.12
CA PHE C 102 2.27 32.02 4.53
C PHE C 102 2.88 33.21 3.83
N GLY C 103 4.19 33.35 3.96
CA GLY C 103 4.97 34.15 3.02
C GLY C 103 4.96 33.51 1.65
N GLY C 104 5.24 34.30 0.63
CA GLY C 104 5.23 33.84 -0.75
C GLY C 104 6.33 32.83 -1.07
N GLY C 105 7.33 32.74 -0.21
CA GLY C 105 8.36 31.74 -0.34
C GLY C 105 9.58 32.27 -1.06
N THR C 106 10.72 31.69 -0.77
CA THR C 106 11.98 32.07 -1.43
C THR C 106 12.66 30.83 -1.98
N LYS C 107 13.01 30.83 -3.26
CA LYS C 107 13.85 29.78 -3.82
C LYS C 107 15.32 30.11 -3.57
N LEU C 108 15.99 29.23 -2.84
CA LEU C 108 17.43 29.36 -2.62
C LEU C 108 18.17 28.51 -3.65
N THR C 109 18.88 29.18 -4.54
CA THR C 109 19.73 28.52 -5.52
C THR C 109 21.17 28.51 -5.00
N VAL C 110 21.80 27.34 -4.97
CA VAL C 110 23.18 27.26 -4.51
C VAL C 110 24.06 27.16 -5.75
N LEU C 111 24.98 28.11 -5.86
CA LEU C 111 25.78 28.32 -7.06
C LEU C 111 26.85 27.27 -7.27
N ASN D 1 13.36 -15.86 -6.47
CA ASN D 1 13.32 -16.02 -7.93
C ASN D 1 12.00 -15.48 -8.50
N PHE D 2 11.47 -16.16 -9.51
CA PHE D 2 10.16 -15.81 -10.06
C PHE D 2 9.05 -15.81 -8.99
N MET D 3 8.24 -14.76 -8.95
CA MET D 3 7.21 -14.61 -7.91
C MET D 3 5.90 -14.07 -8.48
N LEU D 4 4.79 -14.50 -7.88
CA LEU D 4 3.45 -14.07 -8.27
C LEU D 4 2.85 -13.20 -7.20
N THR D 5 2.43 -12.01 -7.59
CA THR D 5 1.85 -11.07 -6.64
C THR D 5 0.34 -10.94 -6.84
N GLN D 6 -0.41 -11.09 -5.76
CA GLN D 6 -1.86 -10.94 -5.76
C GLN D 6 -2.29 -9.94 -4.72
N PRO D 7 -3.40 -9.25 -4.97
CA PRO D 7 -3.94 -8.41 -3.90
C PRO D 7 -4.53 -9.25 -2.75
N HIS D 8 -4.56 -8.67 -1.56
CA HIS D 8 -4.96 -9.42 -0.36
C HIS D 8 -6.40 -9.80 -0.39
N SER D 9 -7.26 -8.85 -0.74
CA SER D 9 -8.70 -9.06 -0.60
C SER D 9 -9.44 -8.33 -1.71
N VAL D 10 -10.57 -8.89 -2.12
CA VAL D 10 -11.43 -8.21 -3.06
C VAL D 10 -12.84 -8.46 -2.60
N SER D 11 -13.74 -7.55 -2.95
CA SER D 11 -15.10 -7.67 -2.52
C SER D 11 -16.02 -7.08 -3.58
N GLU D 12 -17.16 -7.71 -3.75
CA GLU D 12 -18.13 -7.26 -4.74
C GLU D 12 -19.51 -7.80 -4.35
N SER D 13 -20.56 -7.27 -4.96
CA SER D 13 -21.94 -7.63 -4.62
C SER D 13 -22.45 -8.82 -5.45
N PRO D 14 -23.44 -9.56 -4.93
CA PRO D 14 -23.88 -10.72 -5.70
C PRO D 14 -24.38 -10.33 -7.08
N GLY D 15 -24.16 -11.19 -8.05
CA GLY D 15 -24.59 -10.90 -9.40
C GLY D 15 -23.60 -10.05 -10.17
N LYS D 16 -22.65 -9.45 -9.49
CA LYS D 16 -21.64 -8.61 -10.13
C LYS D 16 -20.44 -9.41 -10.65
N THR D 17 -19.57 -8.74 -11.42
CA THR D 17 -18.32 -9.37 -11.85
C THR D 17 -17.09 -8.83 -11.11
N VAL D 18 -16.19 -9.73 -10.75
CA VAL D 18 -14.97 -9.40 -10.04
C VAL D 18 -13.79 -10.02 -10.75
N THR D 19 -12.64 -9.36 -10.59
CA THR D 19 -11.41 -9.80 -11.18
C THR D 19 -10.34 -9.89 -10.10
N ILE D 20 -9.58 -10.97 -10.12
CA ILE D 20 -8.42 -11.15 -9.25
C ILE D 20 -7.18 -11.22 -10.12
N SER D 21 -6.20 -10.33 -9.88
CA SER D 21 -4.99 -10.28 -10.71
C SER D 21 -3.79 -10.97 -10.06
N CYS D 22 -2.87 -11.42 -10.90
CA CYS D 22 -1.71 -12.16 -10.45
C CYS D 22 -0.55 -11.65 -11.33
N THR D 23 0.37 -10.89 -10.74
CA THR D 23 1.41 -10.23 -11.53
C THR D 23 2.77 -10.87 -11.32
N GLY D 24 3.42 -11.18 -12.43
CA GLY D 24 4.74 -11.77 -12.41
C GLY D 24 5.80 -10.81 -11.90
N SER D 25 6.80 -11.36 -11.23
CA SER D 25 7.90 -10.58 -10.71
C SER D 25 9.15 -11.41 -10.90
N SER D 26 10.27 -10.77 -11.25
CA SER D 26 11.51 -11.50 -11.51
C SER D 26 11.31 -12.60 -12.53
N GLY D 27 10.60 -12.27 -13.61
CA GLY D 27 10.35 -13.22 -14.68
C GLY D 27 9.14 -12.83 -15.51
N SER D 28 8.97 -13.45 -16.69
CA SER D 28 7.78 -13.23 -17.49
C SER D 28 6.63 -14.17 -17.14
N ILE D 29 5.43 -13.62 -17.07
CA ILE D 29 4.23 -14.40 -16.77
C ILE D 29 3.99 -15.44 -17.87
N ALA D 30 4.44 -15.13 -19.08
CA ALA D 30 4.08 -15.98 -20.22
C ALA D 30 5.03 -17.17 -20.38
N SER D 31 6.09 -17.22 -19.58
CA SER D 31 7.05 -18.33 -19.68
C SER D 31 6.49 -19.66 -19.20
N ASN D 32 5.47 -19.64 -18.35
CA ASN D 32 4.87 -20.88 -17.85
C ASN D 32 3.37 -20.72 -17.63
N TYR D 33 2.65 -21.82 -17.71
CA TYR D 33 1.19 -21.84 -17.49
C TYR D 33 0.81 -21.35 -16.10
N VAL D 34 -0.30 -20.63 -16.05
CA VAL D 34 -0.86 -20.19 -14.79
C VAL D 34 -2.13 -20.99 -14.48
N GLN D 35 -2.20 -21.50 -13.25
CA GLN D 35 -3.39 -22.20 -12.73
C GLN D 35 -4.00 -21.35 -11.61
N TRP D 36 -5.29 -21.57 -11.34
CA TRP D 36 -6.02 -20.86 -10.28
C TRP D 36 -6.78 -21.86 -9.44
N TYR D 37 -6.53 -21.85 -8.13
CA TYR D 37 -7.23 -22.71 -7.19
C TYR D 37 -8.16 -21.96 -6.28
N GLN D 38 -9.32 -22.58 -6.03
CA GLN D 38 -10.21 -22.14 -4.97
C GLN D 38 -9.82 -22.91 -3.73
N GLN D 39 -9.87 -22.28 -2.57
CA GLN D 39 -9.68 -23.00 -1.33
C GLN D 39 -10.66 -22.49 -0.30
N ARG D 40 -11.50 -23.40 0.20
CA ARG D 40 -12.42 -23.08 1.28
C ARG D 40 -11.74 -23.43 2.61
N PRO D 41 -12.23 -22.88 3.71
CA PRO D 41 -11.53 -23.08 5.00
C PRO D 41 -11.30 -24.54 5.43
N GLY D 42 -10.03 -24.90 5.55
CA GLY D 42 -9.63 -26.20 6.06
C GLY D 42 -9.84 -27.31 5.06
N SER D 43 -10.01 -26.95 3.78
CA SER D 43 -10.17 -27.91 2.69
C SER D 43 -9.05 -27.86 1.67
N SER D 44 -8.91 -28.97 0.99
CA SER D 44 -8.00 -29.12 -0.14
C SER D 44 -8.33 -28.08 -1.23
N PRO D 45 -7.32 -27.40 -1.80
CA PRO D 45 -7.61 -26.51 -2.93
C PRO D 45 -8.21 -27.30 -4.09
N THR D 46 -8.97 -26.61 -4.92
CA THR D 46 -9.49 -27.23 -6.13
C THR D 46 -9.26 -26.31 -7.31
N THR D 47 -8.96 -26.89 -8.46
CA THR D 47 -8.72 -26.14 -9.68
C THR D 47 -9.98 -25.46 -10.17
N VAL D 48 -9.87 -24.19 -10.53
CA VAL D 48 -10.94 -23.55 -11.28
C VAL D 48 -10.47 -23.10 -12.66
N ILE D 49 -9.18 -22.83 -12.80
CA ILE D 49 -8.56 -22.60 -14.12
C ILE D 49 -7.20 -23.26 -14.17
N TYR D 50 -6.87 -23.87 -15.30
CA TYR D 50 -5.51 -24.36 -15.54
C TYR D 50 -5.07 -23.97 -16.96
N GLU D 51 -3.74 -23.99 -17.16
CA GLU D 51 -3.15 -23.62 -18.43
C GLU D 51 -3.69 -22.28 -18.89
N ASP D 52 -3.52 -21.29 -18.01
CA ASP D 52 -3.88 -19.89 -18.27
C ASP D 52 -5.37 -19.66 -18.37
N ASN D 53 -6.07 -20.49 -19.15
CA ASN D 53 -7.45 -20.16 -19.49
C ASN D 53 -8.35 -21.38 -19.71
N GLN D 54 -7.91 -22.55 -19.28
CA GLN D 54 -8.74 -23.74 -19.42
C GLN D 54 -9.56 -23.99 -18.16
N ARG D 55 -10.82 -24.36 -18.36
CA ARG D 55 -11.77 -24.55 -17.27
C ARG D 55 -12.20 -25.99 -17.16
N PRO D 56 -11.88 -26.66 -16.03
CA PRO D 56 -12.37 -28.04 -15.89
C PRO D 56 -13.89 -28.10 -16.06
N SER D 57 -14.41 -29.20 -16.61
CA SER D 57 -15.83 -29.24 -16.97
C SER D 57 -16.74 -29.00 -15.76
N GLY D 58 -16.38 -29.57 -14.61
CA GLY D 58 -17.23 -29.48 -13.43
C GLY D 58 -17.34 -28.10 -12.79
N VAL D 59 -16.50 -27.18 -13.24
CA VAL D 59 -16.44 -25.84 -12.65
C VAL D 59 -17.42 -24.91 -13.37
N PRO D 60 -18.21 -24.13 -12.62
CA PRO D 60 -19.15 -23.22 -13.27
C PRO D 60 -18.53 -22.35 -14.35
N ASP D 61 -19.23 -22.16 -15.44
CA ASP D 61 -18.67 -21.41 -16.56
C ASP D 61 -18.54 -19.91 -16.27
N ARG D 62 -18.90 -19.49 -15.06
CA ARG D 62 -18.73 -18.09 -14.67
C ARG D 62 -17.29 -17.74 -14.33
N PHE D 63 -16.45 -18.77 -14.14
CA PHE D 63 -15.01 -18.58 -13.93
C PHE D 63 -14.24 -18.62 -15.24
N SER D 64 -13.41 -17.62 -15.46
CA SER D 64 -12.56 -17.61 -16.64
C SER D 64 -11.20 -17.07 -16.29
N GLY D 65 -10.18 -17.52 -17.03
CA GLY D 65 -8.84 -16.98 -16.91
C GLY D 65 -8.39 -16.25 -18.16
N SER D 66 -7.50 -15.27 -17.98
CA SER D 66 -6.88 -14.52 -19.08
C SER D 66 -5.46 -14.14 -18.70
N ILE D 67 -4.66 -13.83 -19.71
CA ILE D 67 -3.29 -13.37 -19.57
C ILE D 67 -3.15 -11.99 -20.25
N ASP D 68 -2.50 -11.05 -19.57
CA ASP D 68 -2.18 -9.75 -20.16
C ASP D 68 -0.67 -9.53 -20.15
N SER D 69 -0.03 -9.80 -21.29
CA SER D 69 1.41 -9.60 -21.44
C SER D 69 1.88 -8.21 -21.06
N SER D 70 1.20 -7.18 -21.57
CA SER D 70 1.68 -5.81 -21.42
C SER D 70 1.72 -5.38 -19.97
N SER D 71 1.05 -6.12 -19.09
CA SER D 71 1.12 -5.84 -17.67
C SER D 71 1.78 -6.99 -16.90
N ASN D 72 2.29 -7.98 -17.63
CA ASN D 72 2.91 -9.18 -17.04
C ASN D 72 2.00 -9.80 -15.98
N SER D 73 0.71 -9.89 -16.27
CA SER D 73 -0.23 -10.40 -15.27
C SER D 73 -1.14 -11.51 -15.81
N ALA D 74 -1.79 -12.21 -14.89
CA ALA D 74 -2.78 -13.21 -15.21
C ALA D 74 -3.98 -12.84 -14.37
N SER D 75 -5.17 -13.10 -14.88
CA SER D 75 -6.40 -12.70 -14.19
C SER D 75 -7.41 -13.83 -14.11
N LEU D 76 -8.02 -14.02 -12.93
CA LEU D 76 -9.18 -14.86 -12.72
C LEU D 76 -10.38 -13.94 -12.70
N THR D 77 -11.33 -14.17 -13.59
CA THR D 77 -12.57 -13.41 -13.58
C THR D 77 -13.77 -14.26 -13.26
N ILE D 78 -14.60 -13.74 -12.36
CA ILE D 78 -15.79 -14.43 -11.88
C ILE D 78 -17.00 -13.55 -12.11
N SER D 79 -17.87 -13.95 -13.04
CA SER D 79 -19.08 -13.18 -13.35
C SER D 79 -20.25 -13.65 -12.48
N GLY D 80 -21.29 -12.83 -12.38
CA GLY D 80 -22.55 -13.26 -11.80
C GLY D 80 -22.32 -13.88 -10.45
N LEU D 81 -21.63 -13.13 -9.60
CA LEU D 81 -21.15 -13.63 -8.34
C LEU D 81 -22.24 -14.25 -7.48
N LYS D 82 -21.91 -15.38 -6.85
CA LYS D 82 -22.80 -16.06 -5.90
C LYS D 82 -22.14 -16.18 -4.51
N THR D 83 -22.97 -16.34 -3.50
CA THR D 83 -22.49 -16.55 -2.14
C THR D 83 -21.41 -17.64 -2.08
N GLU D 84 -21.66 -18.75 -2.79
CA GLU D 84 -20.75 -19.91 -2.80
C GLU D 84 -19.35 -19.57 -3.34
N ASP D 85 -19.22 -18.45 -4.05
CA ASP D 85 -17.95 -18.03 -4.63
C ASP D 85 -16.97 -17.48 -3.58
N GLU D 86 -17.51 -17.06 -2.45
CA GLU D 86 -16.68 -16.52 -1.37
C GLU D 86 -15.74 -17.60 -0.86
N ALA D 87 -14.46 -17.38 -1.09
CA ALA D 87 -13.38 -18.29 -0.71
C ALA D 87 -12.06 -17.60 -0.95
N ASP D 88 -10.97 -18.30 -0.66
CA ASP D 88 -9.65 -17.86 -1.08
C ASP D 88 -9.37 -18.35 -2.49
N TYR D 89 -8.61 -17.56 -3.22
CA TYR D 89 -8.15 -17.93 -4.55
C TYR D 89 -6.63 -17.74 -4.65
N TYR D 90 -5.94 -18.75 -5.19
CA TYR D 90 -4.48 -18.68 -5.34
C TYR D 90 -4.14 -18.91 -6.79
N CYS D 91 -3.34 -18.03 -7.39
CA CYS D 91 -2.76 -18.36 -8.68
C CYS D 91 -1.48 -19.15 -8.42
N GLN D 92 -1.03 -19.84 -9.45
CA GLN D 92 0.10 -20.75 -9.32
C GLN D 92 0.77 -20.99 -10.68
N SER D 93 2.10 -21.03 -10.66
CA SER D 93 2.85 -21.38 -11.85
C SER D 93 4.20 -21.96 -11.44
N TYR D 94 5.22 -21.71 -12.27
CA TYR D 94 6.53 -22.33 -12.09
C TYR D 94 7.65 -21.33 -12.30
N ASP D 95 8.74 -21.49 -11.55
CA ASP D 95 9.92 -20.64 -11.73
C ASP D 95 10.78 -21.26 -12.81
N SER D 96 11.92 -20.65 -13.11
CA SER D 96 12.74 -21.11 -14.24
C SER D 96 13.27 -22.54 -13.99
N SER D 97 13.48 -22.89 -12.72
CA SER D 97 13.84 -24.26 -12.34
C SER D 97 12.65 -25.20 -12.42
N ASN D 98 11.51 -24.69 -12.88
CA ASN D 98 10.30 -25.48 -13.03
CA ASN D 98 10.29 -25.48 -13.03
C ASN D 98 9.77 -26.00 -11.69
N HIS D 99 10.04 -25.24 -10.64
CA HIS D 99 9.50 -25.52 -9.30
C HIS D 99 8.24 -24.70 -9.08
N VAL D 100 7.31 -25.27 -8.31
CA VAL D 100 6.00 -24.65 -8.11
C VAL D 100 6.16 -23.35 -7.35
N VAL D 101 5.52 -22.29 -7.84
CA VAL D 101 5.38 -21.05 -7.07
C VAL D 101 3.88 -20.64 -6.96
N PHE D 102 3.47 -20.18 -5.78
CA PHE D 102 2.10 -19.73 -5.54
C PHE D 102 2.06 -18.20 -5.34
N GLY D 103 1.01 -17.56 -5.86
CA GLY D 103 0.65 -16.23 -5.39
C GLY D 103 0.35 -16.26 -3.90
N GLY D 104 0.23 -15.07 -3.30
CA GLY D 104 0.02 -14.94 -1.87
C GLY D 104 -1.41 -15.24 -1.45
N GLY D 105 -2.31 -15.29 -2.43
CA GLY D 105 -3.72 -15.49 -2.13
C GLY D 105 -4.56 -14.23 -2.01
N THR D 106 -5.85 -14.39 -2.36
CA THR D 106 -6.83 -13.31 -2.33
C THR D 106 -8.10 -13.85 -1.72
N LYS D 107 -8.58 -13.20 -0.67
CA LYS D 107 -9.90 -13.51 -0.14
C LYS D 107 -10.91 -12.76 -0.95
N LEU D 108 -11.79 -13.50 -1.58
CA LEU D 108 -12.95 -12.93 -2.25
C LEU D 108 -14.15 -12.94 -1.29
N THR D 109 -14.68 -11.75 -0.99
CA THR D 109 -15.88 -11.63 -0.15
C THR D 109 -17.05 -11.20 -1.03
N VAL D 110 -18.16 -11.89 -0.84
CA VAL D 110 -19.38 -11.58 -1.59
C VAL D 110 -20.31 -10.77 -0.67
N LEU D 111 -20.49 -9.50 -1.02
CA LEU D 111 -21.20 -8.51 -0.21
C LEU D 111 -22.69 -8.77 -0.15
N ASN E 1 4.56 12.26 16.90
CA ASN E 1 3.20 12.49 17.48
C ASN E 1 2.15 12.42 16.36
N PHE E 2 1.12 13.26 16.45
CA PHE E 2 0.02 13.26 15.48
C PHE E 2 0.56 13.44 14.07
N MET E 3 0.06 12.67 13.13
CA MET E 3 0.50 12.78 11.76
C MET E 3 -0.74 12.70 10.87
N LEU E 4 -0.61 13.22 9.65
CA LEU E 4 -1.66 13.13 8.65
C LEU E 4 -1.19 12.33 7.44
N THR E 5 -1.96 11.33 7.09
CA THR E 5 -1.61 10.42 6.02
C THR E 5 -2.49 10.70 4.82
N GLN E 6 -1.88 10.95 3.67
CA GLN E 6 -2.69 11.07 2.48
C GLN E 6 -1.96 10.29 1.41
N PRO E 7 -2.72 9.81 0.42
CA PRO E 7 -2.18 9.06 -0.71
C PRO E 7 -1.38 9.97 -1.61
N HIS E 8 -0.27 9.50 -2.16
CA HIS E 8 0.59 10.50 -2.78
C HIS E 8 0.07 10.86 -4.17
N SER E 9 -0.79 10.05 -4.77
CA SER E 9 -1.28 10.37 -6.11
C SER E 9 -2.71 9.98 -6.40
N VAL E 10 -3.45 10.86 -7.10
CA VAL E 10 -4.75 10.49 -7.64
C VAL E 10 -4.86 11.08 -9.04
N SER E 11 -5.74 10.49 -9.85
CA SER E 11 -6.01 11.04 -11.17
C SER E 11 -7.48 10.88 -11.50
N GLU E 12 -7.96 11.71 -12.40
CA GLU E 12 -9.35 11.69 -12.78
C GLU E 12 -9.55 12.58 -14.02
N SER E 13 -10.70 12.44 -14.67
CA SER E 13 -10.99 13.15 -15.92
C SER E 13 -11.80 14.42 -15.72
N PRO E 14 -11.63 15.38 -16.64
CA PRO E 14 -12.43 16.60 -16.58
C PRO E 14 -13.92 16.34 -16.33
N GLY E 15 -14.56 17.24 -15.61
CA GLY E 15 -15.98 17.14 -15.35
C GLY E 15 -16.37 16.14 -14.27
N LYS E 16 -15.44 15.30 -13.86
CA LYS E 16 -15.75 14.29 -12.85
C LYS E 16 -15.40 14.78 -11.44
N THR E 17 -15.80 13.99 -10.43
CA THR E 17 -15.51 14.32 -9.04
C THR E 17 -14.37 13.45 -8.51
N VAL E 18 -13.46 14.06 -7.76
CA VAL E 18 -12.33 13.33 -7.20
C VAL E 18 -12.22 13.68 -5.73
N THR E 19 -11.74 12.71 -4.95
CA THR E 19 -11.68 12.89 -3.51
C THR E 19 -10.31 12.54 -2.98
N ILE E 20 -9.75 13.46 -2.17
CA ILE E 20 -8.42 13.32 -1.57
C ILE E 20 -8.60 13.22 -0.08
N SER E 21 -8.14 12.12 0.49
CA SER E 21 -8.24 11.90 1.92
C SER E 21 -6.94 12.20 2.68
N CYS E 22 -7.13 12.29 3.98
CA CYS E 22 -6.18 12.77 4.93
C CYS E 22 -6.64 12.14 6.24
N THR E 23 -5.97 11.07 6.64
CA THR E 23 -6.34 10.31 7.81
C THR E 23 -5.43 10.55 8.98
N GLY E 24 -6.05 10.81 10.12
CA GLY E 24 -5.31 10.97 11.35
C GLY E 24 -4.61 9.70 11.80
N SER E 25 -3.37 9.86 12.23
CA SER E 25 -2.52 8.79 12.75
C SER E 25 -1.99 9.27 14.11
N SER E 26 -2.00 8.41 15.12
CA SER E 26 -1.56 8.77 16.47
C SER E 26 -2.29 10.01 17.00
N GLY E 27 -3.61 10.03 16.81
CA GLY E 27 -4.45 11.08 17.35
C GLY E 27 -5.74 11.17 16.57
N SER E 28 -6.69 11.96 17.04
CA SER E 28 -8.00 12.04 16.40
C SER E 28 -8.12 13.25 15.49
N ILE E 29 -8.61 13.03 14.27
CA ILE E 29 -8.74 14.09 13.28
C ILE E 29 -9.56 15.26 13.82
N ALA E 30 -10.42 15.00 14.79
CA ALA E 30 -11.41 16.00 15.19
C ALA E 30 -10.91 16.91 16.33
N SER E 31 -9.72 16.63 16.86
CA SER E 31 -9.19 17.43 17.97
C SER E 31 -8.76 18.84 17.53
N ASN E 32 -8.45 19.02 16.25
CA ASN E 32 -8.04 20.33 15.73
C ASN E 32 -8.58 20.52 14.31
N TYR E 33 -8.71 21.78 13.91
CA TYR E 33 -9.15 22.14 12.57
C TYR E 33 -8.21 21.72 11.44
N VAL E 34 -8.81 21.28 10.34
CA VAL E 34 -8.10 20.84 9.16
C VAL E 34 -8.17 21.89 8.05
N GLN E 35 -7.01 22.27 7.57
CA GLN E 35 -6.87 23.16 6.41
C GLN E 35 -6.45 22.34 5.18
N TRP E 36 -6.86 22.79 3.99
CA TRP E 36 -6.36 22.24 2.74
C TRP E 36 -5.69 23.31 1.89
N TYR E 37 -4.53 22.99 1.35
CA TYR E 37 -3.79 23.90 0.47
C TYR E 37 -3.61 23.34 -0.92
N GLN E 38 -3.75 24.21 -1.91
CA GLN E 38 -3.39 23.88 -3.27
C GLN E 38 -1.99 24.44 -3.51
N GLN E 39 -1.11 23.66 -4.13
CA GLN E 39 0.26 24.17 -4.39
C GLN E 39 0.78 23.77 -5.74
N ARG E 40 1.25 24.77 -6.46
CA ARG E 40 1.86 24.54 -7.76
C ARG E 40 3.38 24.65 -7.63
N PRO E 41 4.12 24.13 -8.61
CA PRO E 41 5.58 24.08 -8.52
C PRO E 41 6.23 25.44 -8.28
N GLY E 42 7.06 25.53 -7.25
CA GLY E 42 7.85 26.73 -7.00
C GLY E 42 7.05 27.89 -6.47
N SER E 43 5.84 27.60 -5.98
CA SER E 43 4.89 28.63 -5.62
C SER E 43 4.34 28.35 -4.24
N SER E 44 3.95 29.40 -3.55
CA SER E 44 3.48 29.28 -2.18
C SER E 44 2.12 28.58 -2.17
N PRO E 45 1.79 27.94 -1.05
CA PRO E 45 0.50 27.25 -0.98
C PRO E 45 -0.64 28.26 -0.93
N THR E 46 -1.76 27.92 -1.56
CA THR E 46 -2.95 28.76 -1.48
C THR E 46 -4.03 27.99 -0.76
N THR E 47 -4.69 28.69 0.15
CA THR E 47 -5.73 28.09 0.98
C THR E 47 -6.98 27.85 0.18
N VAL E 48 -7.44 26.60 0.14
CA VAL E 48 -8.71 26.29 -0.49
C VAL E 48 -9.80 25.94 0.55
N ILE E 49 -9.40 25.49 1.74
CA ILE E 49 -10.33 25.19 2.82
C ILE E 49 -9.62 25.52 4.11
N TYR E 50 -10.34 26.11 5.05
CA TYR E 50 -9.86 26.23 6.42
C TYR E 50 -11.00 25.86 7.38
N GLU E 51 -10.68 25.62 8.64
CA GLU E 51 -11.69 25.18 9.60
C GLU E 51 -12.57 24.03 9.03
N ASP E 52 -11.90 22.98 8.59
CA ASP E 52 -12.51 21.73 8.09
C ASP E 52 -13.30 21.84 6.80
N ASN E 53 -14.07 22.91 6.62
CA ASN E 53 -14.97 23.01 5.46
C ASN E 53 -15.27 24.45 4.94
N GLN E 54 -14.54 25.45 5.41
CA GLN E 54 -14.76 26.82 4.96
C GLN E 54 -13.89 27.14 3.74
N ARG E 55 -14.49 27.70 2.69
CA ARG E 55 -13.76 28.20 1.55
C ARG E 55 -13.41 29.66 1.73
N PRO E 56 -12.14 30.02 1.48
CA PRO E 56 -11.89 31.47 1.39
C PRO E 56 -12.73 32.11 0.29
N SER E 57 -13.04 33.39 0.44
CA SER E 57 -13.77 34.12 -0.61
C SER E 57 -13.06 34.00 -1.94
N GLY E 58 -13.83 33.72 -2.98
CA GLY E 58 -13.26 33.60 -4.29
C GLY E 58 -12.80 32.21 -4.67
N VAL E 59 -12.54 31.34 -3.69
CA VAL E 59 -12.25 29.94 -4.01
C VAL E 59 -13.50 29.33 -4.64
N PRO E 60 -13.36 28.68 -5.80
CA PRO E 60 -14.55 28.14 -6.45
C PRO E 60 -15.31 27.11 -5.58
N ASP E 61 -16.64 27.02 -5.75
CA ASP E 61 -17.42 26.19 -4.83
C ASP E 61 -17.30 24.75 -5.22
N ARG E 62 -16.50 24.44 -6.24
CA ARG E 62 -16.29 23.04 -6.61
C ARG E 62 -15.31 22.37 -5.65
N PHE E 63 -14.67 23.17 -4.79
CA PHE E 63 -13.86 22.64 -3.70
C PHE E 63 -14.65 22.54 -2.40
N SER E 64 -14.83 21.32 -1.88
CA SER E 64 -15.46 21.19 -0.58
C SER E 64 -14.65 20.27 0.32
N GLY E 65 -14.65 20.62 1.60
CA GLY E 65 -13.98 19.84 2.62
C GLY E 65 -14.97 19.19 3.56
N SER E 66 -14.61 18.03 4.10
CA SER E 66 -15.45 17.32 5.04
C SER E 66 -14.58 16.58 6.03
N ILE E 67 -15.23 16.12 7.09
CA ILE E 67 -14.60 15.30 8.12
C ILE E 67 -15.39 13.99 8.26
N ASP E 68 -14.70 12.84 8.25
CA ASP E 68 -15.37 11.58 8.58
C ASP E 68 -14.74 10.97 9.84
N SER E 69 -15.38 11.22 10.97
CA SER E 69 -14.87 10.76 12.26
C SER E 69 -14.71 9.24 12.33
N SER E 70 -15.53 8.51 11.61
CA SER E 70 -15.52 7.07 11.76
C SER E 70 -14.38 6.44 10.96
N SER E 71 -13.79 7.21 10.05
CA SER E 71 -12.58 6.75 9.41
C SER E 71 -11.39 7.60 9.92
N ASN E 72 -11.66 8.50 10.86
CA ASN E 72 -10.67 9.41 11.44
C ASN E 72 -10.00 10.21 10.33
N SER E 73 -10.78 10.64 9.34
CA SER E 73 -10.22 11.29 8.18
C SER E 73 -10.92 12.62 7.85
N ALA E 74 -10.20 13.46 7.13
CA ALA E 74 -10.74 14.61 6.43
C ALA E 74 -10.60 14.41 4.93
N SER E 75 -11.50 15.01 4.17
CA SER E 75 -11.46 14.87 2.72
C SER E 75 -11.63 16.20 1.99
N LEU E 76 -10.85 16.36 0.94
CA LEU E 76 -11.06 17.39 -0.04
C LEU E 76 -11.70 16.74 -1.26
N THR E 77 -12.84 17.27 -1.67
CA THR E 77 -13.55 16.79 -2.83
C THR E 77 -13.59 17.87 -3.87
N ILE E 78 -13.22 17.52 -5.09
CA ILE E 78 -13.29 18.45 -6.19
C ILE E 78 -14.30 17.96 -7.23
N SER E 79 -15.40 18.69 -7.33
CA SER E 79 -16.46 18.36 -8.29
C SER E 79 -16.21 19.06 -9.62
N GLY E 80 -16.75 18.50 -10.69
CA GLY E 80 -16.65 19.11 -12.00
C GLY E 80 -15.22 19.53 -12.27
N LEU E 81 -14.33 18.55 -12.12
CA LEU E 81 -12.91 18.78 -12.17
C LEU E 81 -12.47 19.51 -13.43
N LYS E 82 -11.62 20.52 -13.25
CA LYS E 82 -11.06 21.23 -14.38
C LYS E 82 -9.59 20.91 -14.54
N THR E 83 -9.12 21.16 -15.75
CA THR E 83 -7.74 21.00 -16.11
C THR E 83 -6.82 21.81 -15.21
N GLU E 84 -7.24 23.03 -14.88
CA GLU E 84 -6.46 23.91 -14.03
C GLU E 84 -6.26 23.40 -12.61
N ASP E 85 -7.10 22.44 -12.19
CA ASP E 85 -6.99 21.86 -10.85
C ASP E 85 -5.80 20.90 -10.70
N GLU E 86 -5.12 20.56 -11.78
CA GLU E 86 -3.93 19.73 -11.64
C GLU E 86 -2.88 20.46 -10.80
N ALA E 87 -2.50 19.84 -9.69
CA ALA E 87 -1.69 20.47 -8.66
C ALA E 87 -1.49 19.49 -7.51
N ASP E 88 -0.64 19.89 -6.57
CA ASP E 88 -0.46 19.22 -5.28
C ASP E 88 -1.42 19.80 -4.23
N TYR E 89 -1.96 18.93 -3.38
CA TYR E 89 -2.89 19.31 -2.33
C TYR E 89 -2.40 18.75 -1.01
N TYR E 90 -2.25 19.64 -0.05
CA TYR E 90 -1.78 19.31 1.29
C TYR E 90 -2.88 19.58 2.29
N CYS E 91 -3.11 18.61 3.17
CA CYS E 91 -3.91 18.86 4.36
C CYS E 91 -2.98 19.24 5.47
N GLN E 92 -3.54 19.93 6.47
CA GLN E 92 -2.72 20.53 7.50
C GLN E 92 -3.51 20.71 8.76
N SER E 93 -2.90 20.41 9.90
CA SER E 93 -3.56 20.68 11.18
C SER E 93 -2.52 20.88 12.27
N TYR E 94 -2.87 20.57 13.52
CA TYR E 94 -1.97 20.78 14.65
C TYR E 94 -1.87 19.53 15.51
N ASP E 95 -0.74 19.35 16.20
CA ASP E 95 -0.58 18.24 17.14
C ASP E 95 -0.96 18.70 18.54
N SER E 96 -0.76 17.85 19.54
CA SER E 96 -1.23 18.16 20.89
C SER E 96 -0.47 19.34 21.48
N SER E 97 0.70 19.64 20.91
CA SER E 97 1.52 20.78 21.32
C SER E 97 1.25 22.00 20.47
N ASN E 98 0.12 22.00 19.76
CA ASN E 98 -0.29 23.09 18.85
C ASN E 98 0.77 23.41 17.76
N HIS E 99 1.64 22.45 17.47
CA HIS E 99 2.58 22.60 16.38
C HIS E 99 2.01 22.11 15.03
N VAL E 100 2.40 22.76 13.94
CA VAL E 100 1.81 22.49 12.64
C VAL E 100 2.20 21.10 12.12
N VAL E 101 1.19 20.35 11.68
CA VAL E 101 1.41 19.07 11.01
C VAL E 101 0.87 19.14 9.57
N PHE E 102 1.70 18.74 8.62
CA PHE E 102 1.30 18.61 7.23
C PHE E 102 1.11 17.17 6.86
N GLY E 103 0.04 16.91 6.12
CA GLY E 103 0.02 15.75 5.27
C GLY E 103 1.20 15.71 4.32
N GLY E 104 1.48 14.51 3.83
CA GLY E 104 2.56 14.29 2.88
C GLY E 104 2.24 14.77 1.47
N GLY E 105 0.98 15.10 1.23
CA GLY E 105 0.54 15.66 -0.03
C GLY E 105 0.05 14.67 -1.04
N THR E 106 -0.81 15.15 -1.93
CA THR E 106 -1.38 14.35 -2.99
C THR E 106 -1.27 15.10 -4.28
N LYS E 107 -0.60 14.53 -5.26
CA LYS E 107 -0.62 15.08 -6.61
C LYS E 107 -1.87 14.64 -7.33
N LEU E 108 -2.67 15.63 -7.71
CA LEU E 108 -3.78 15.38 -8.59
C LEU E 108 -3.35 15.57 -10.05
N THR E 109 -3.51 14.51 -10.84
CA THR E 109 -3.27 14.55 -12.27
C THR E 109 -4.61 14.58 -12.94
N VAL E 110 -4.87 15.58 -13.78
CA VAL E 110 -6.11 15.62 -14.54
C VAL E 110 -5.89 14.92 -15.89
N LEU E 111 -6.66 13.86 -16.14
CA LEU E 111 -6.48 13.02 -17.33
C LEU E 111 -6.90 13.73 -18.61
N PHE F 2 -8.00 -39.80 -11.16
CA PHE F 2 -6.90 -39.81 -10.18
C PHE F 2 -7.31 -39.08 -8.91
N MET F 3 -6.92 -39.64 -7.78
CA MET F 3 -7.20 -39.04 -6.48
C MET F 3 -6.03 -39.40 -5.56
N LEU F 4 -5.70 -38.48 -4.65
CA LEU F 4 -4.67 -38.72 -3.65
C LEU F 4 -5.33 -38.64 -2.29
N THR F 5 -5.28 -39.75 -1.57
CA THR F 5 -5.97 -39.85 -0.30
C THR F 5 -4.99 -39.73 0.88
N GLN F 6 -5.37 -38.88 1.84
CA GLN F 6 -4.58 -38.72 3.04
C GLN F 6 -5.45 -39.01 4.26
N PRO F 7 -4.83 -39.46 5.36
CA PRO F 7 -5.56 -39.46 6.63
C PRO F 7 -5.89 -38.01 7.02
N HIS F 8 -7.08 -37.73 7.54
CA HIS F 8 -7.52 -36.34 7.75
C HIS F 8 -6.72 -35.67 8.85
N SER F 9 -6.27 -36.46 9.82
CA SER F 9 -5.67 -35.89 11.03
C SER F 9 -4.68 -36.86 11.63
N VAL F 10 -3.58 -36.33 12.14
CA VAL F 10 -2.65 -37.12 12.92
C VAL F 10 -2.14 -36.24 14.05
N SER F 11 -1.57 -36.87 15.06
CA SER F 11 -1.02 -36.09 16.14
C SER F 11 0.09 -36.86 16.82
N GLU F 12 0.95 -36.14 17.52
CA GLU F 12 2.07 -36.75 18.19
C GLU F 12 2.67 -35.70 19.11
N SER F 13 3.50 -36.13 20.04
CA SER F 13 4.12 -35.24 21.00
C SER F 13 5.44 -34.67 20.50
N PRO F 14 5.83 -33.51 21.03
CA PRO F 14 7.15 -32.95 20.76
C PRO F 14 8.23 -34.01 20.90
N GLY F 15 9.17 -34.03 19.97
CA GLY F 15 10.30 -34.93 19.99
C GLY F 15 10.04 -36.22 19.25
N LYS F 16 8.77 -36.54 19.04
CA LYS F 16 8.44 -37.84 18.51
C LYS F 16 8.45 -37.76 16.98
N THR F 17 8.11 -38.88 16.34
CA THR F 17 8.06 -38.94 14.89
C THR F 17 6.66 -39.26 14.39
N VAL F 18 6.28 -38.59 13.31
CA VAL F 18 4.95 -38.80 12.70
C VAL F 18 5.08 -38.99 11.21
N THR F 19 4.14 -39.76 10.67
CA THR F 19 4.08 -40.03 9.24
C THR F 19 2.72 -39.79 8.62
N ILE F 20 2.72 -39.13 7.47
CA ILE F 20 1.49 -38.79 6.75
C ILE F 20 1.55 -39.46 5.38
N SER F 21 0.60 -40.36 5.12
CA SER F 21 0.54 -41.04 3.83
C SER F 21 -0.33 -40.26 2.83
N CYS F 22 -0.16 -40.64 1.57
CA CYS F 22 -0.73 -40.00 0.39
C CYS F 22 -0.81 -41.09 -0.68
N THR F 23 -2.00 -41.64 -0.83
CA THR F 23 -2.20 -42.84 -1.66
C THR F 23 -2.91 -42.48 -2.97
N GLY F 24 -2.38 -42.94 -4.10
CA GLY F 24 -2.99 -42.65 -5.39
C GLY F 24 -4.06 -43.67 -5.67
N SER F 25 -5.23 -43.22 -6.11
CA SER F 25 -6.43 -44.07 -6.22
C SER F 25 -6.49 -44.83 -7.53
N SER F 26 -5.74 -44.34 -8.52
CA SER F 26 -5.61 -45.02 -9.80
C SER F 26 -4.18 -44.80 -10.33
N GLY F 27 -3.82 -45.39 -11.46
CA GLY F 27 -2.46 -45.22 -11.94
C GLY F 27 -1.40 -45.66 -10.92
N SER F 28 -0.14 -45.34 -11.22
CA SER F 28 0.95 -45.66 -10.33
C SER F 28 1.56 -44.41 -9.73
N ILE F 29 1.83 -44.46 -8.42
CA ILE F 29 2.30 -43.28 -7.71
C ILE F 29 3.67 -42.85 -8.31
N ALA F 30 4.42 -43.81 -8.84
CA ALA F 30 5.74 -43.55 -9.41
C ALA F 30 5.70 -42.88 -10.79
N SER F 31 4.54 -42.80 -11.42
CA SER F 31 4.42 -42.14 -12.72
C SER F 31 4.60 -40.61 -12.69
N ASN F 32 4.42 -40.00 -11.52
CA ASN F 32 4.67 -38.57 -11.41
C ASN F 32 5.23 -38.21 -10.06
N TYR F 33 5.94 -37.11 -10.04
CA TYR F 33 6.52 -36.60 -8.81
C TYR F 33 5.45 -36.18 -7.82
N VAL F 34 5.74 -36.42 -6.54
CA VAL F 34 4.90 -35.98 -5.45
C VAL F 34 5.57 -34.80 -4.73
N GLN F 35 4.78 -33.76 -4.49
CA GLN F 35 5.14 -32.61 -3.67
C GLN F 35 4.34 -32.57 -2.38
N TRP F 36 4.94 -32.00 -1.35
CA TRP F 36 4.30 -31.85 -0.06
C TRP F 36 4.35 -30.38 0.33
N TYR F 37 3.21 -29.84 0.76
CA TYR F 37 3.11 -28.46 1.21
C TYR F 37 2.67 -28.37 2.64
N GLN F 38 3.24 -27.40 3.35
CA GLN F 38 2.77 -27.02 4.65
C GLN F 38 1.92 -25.81 4.43
N GLN F 39 0.79 -25.71 5.12
CA GLN F 39 -0.03 -24.52 5.01
C GLN F 39 -0.50 -24.05 6.38
N ARG F 40 -0.14 -22.81 6.70
CA ARG F 40 -0.65 -22.10 7.86
C ARG F 40 -2.04 -21.56 7.51
N PRO F 41 -2.89 -21.37 8.53
CA PRO F 41 -4.26 -20.94 8.23
C PRO F 41 -4.29 -19.61 7.47
N GLY F 42 -5.02 -19.59 6.37
CA GLY F 42 -5.24 -18.38 5.61
C GLY F 42 -4.06 -17.87 4.86
N SER F 43 -3.00 -18.68 4.81
CA SER F 43 -1.76 -18.32 4.14
C SER F 43 -1.47 -19.20 2.96
N SER F 44 -0.63 -18.70 2.07
CA SER F 44 -0.17 -19.43 0.88
C SER F 44 0.58 -20.70 1.31
N PRO F 45 0.44 -21.79 0.57
CA PRO F 45 1.14 -23.00 1.02
C PRO F 45 2.62 -22.99 0.67
N THR F 46 3.47 -23.62 1.48
CA THR F 46 4.90 -23.55 1.23
C THR F 46 5.46 -24.97 1.03
N THR F 47 6.47 -25.10 0.18
CA THR F 47 6.96 -26.43 -0.20
C THR F 47 7.78 -26.99 0.91
N VAL F 48 7.55 -28.25 1.30
CA VAL F 48 8.47 -28.88 2.24
C VAL F 48 9.21 -30.04 1.57
N ILE F 49 8.61 -30.63 0.54
CA ILE F 49 9.23 -31.68 -0.24
C ILE F 49 8.80 -31.47 -1.67
N TYR F 50 9.73 -31.61 -2.62
CA TYR F 50 9.35 -31.70 -4.03
C TYR F 50 10.13 -32.87 -4.65
N GLU F 51 9.70 -33.28 -5.83
CA GLU F 51 10.26 -34.42 -6.53
C GLU F 51 10.42 -35.61 -5.57
N ASP F 52 9.31 -35.98 -4.91
CA ASP F 52 9.22 -37.16 -4.03
C ASP F 52 9.99 -37.00 -2.73
N ASN F 53 11.22 -36.50 -2.78
CA ASN F 53 12.06 -36.55 -1.58
C ASN F 53 13.09 -35.42 -1.46
N GLN F 54 12.95 -34.38 -2.28
CA GLN F 54 13.88 -33.23 -2.26
C GLN F 54 13.42 -32.12 -1.31
N ARG F 55 14.25 -31.73 -0.35
CA ARG F 55 13.94 -30.58 0.47
C ARG F 55 14.42 -29.28 -0.16
N PRO F 56 13.55 -28.26 -0.19
CA PRO F 56 13.97 -26.90 -0.54
C PRO F 56 14.98 -26.38 0.48
N SER F 57 15.80 -25.39 0.11
CA SER F 57 16.77 -24.94 1.08
C SER F 57 15.97 -24.36 2.24
N GLY F 58 16.50 -24.45 3.44
CA GLY F 58 15.79 -23.94 4.61
C GLY F 58 14.94 -24.96 5.33
N VAL F 59 14.48 -25.98 4.60
CA VAL F 59 13.73 -27.09 5.23
C VAL F 59 14.69 -28.09 5.89
N PRO F 60 14.58 -28.27 7.23
CA PRO F 60 15.50 -29.16 7.93
C PRO F 60 15.34 -30.63 7.53
N ASP F 61 16.37 -31.42 7.78
CA ASP F 61 16.36 -32.82 7.37
C ASP F 61 15.45 -33.67 8.24
N ARG F 62 14.81 -33.09 9.25
CA ARG F 62 13.84 -33.89 10.01
C ARG F 62 12.52 -34.04 9.21
N PHE F 63 12.40 -33.29 8.11
CA PHE F 63 11.32 -33.56 7.13
C PHE F 63 11.85 -34.45 6.05
N SER F 64 11.13 -35.52 5.73
CA SER F 64 11.52 -36.33 4.59
C SER F 64 10.36 -37.03 3.90
N GLY F 65 10.49 -37.04 2.58
CA GLY F 65 9.53 -37.66 1.70
C GLY F 65 10.06 -39.00 1.24
N SER F 66 9.15 -39.94 1.04
CA SER F 66 9.48 -41.27 0.54
C SER F 66 8.33 -41.72 -0.38
N ILE F 67 8.58 -42.79 -1.13
CA ILE F 67 7.58 -43.40 -2.01
C ILE F 67 7.56 -44.90 -1.72
N ASP F 68 6.36 -45.48 -1.61
CA ASP F 68 6.22 -46.93 -1.52
C ASP F 68 5.32 -47.42 -2.65
N SER F 69 5.92 -47.92 -3.72
CA SER F 69 5.14 -48.32 -4.88
C SER F 69 4.27 -49.54 -4.53
N SER F 70 4.63 -50.28 -3.49
CA SER F 70 3.93 -51.54 -3.18
C SER F 70 2.61 -51.23 -2.52
N SER F 71 2.49 -50.03 -1.91
CA SER F 71 1.20 -49.57 -1.39
C SER F 71 0.68 -48.39 -2.20
N ASN F 72 1.36 -48.10 -3.31
CA ASN F 72 0.99 -47.00 -4.20
C ASN F 72 0.83 -45.67 -3.45
N SER F 73 1.74 -45.43 -2.50
CA SER F 73 1.67 -44.27 -1.63
C SER F 73 2.99 -43.46 -1.59
N ALA F 74 2.85 -42.19 -1.23
CA ALA F 74 3.93 -41.31 -0.85
C ALA F 74 3.74 -40.99 0.62
N SER F 75 4.83 -40.74 1.32
CA SER F 75 4.71 -40.43 2.73
C SER F 75 5.62 -39.28 3.09
N LEU F 76 5.07 -38.37 3.91
CA LEU F 76 5.85 -37.35 4.59
C LEU F 76 6.05 -37.75 6.03
N THR F 77 7.31 -37.73 6.46
CA THR F 77 7.70 -38.18 7.80
C THR F 77 8.39 -37.00 8.49
N ILE F 78 7.97 -36.72 9.71
CA ILE F 78 8.55 -35.63 10.46
C ILE F 78 9.06 -36.19 11.77
N SER F 79 10.37 -36.13 11.98
CA SER F 79 10.96 -36.53 13.26
C SER F 79 11.31 -35.29 14.09
N GLY F 80 11.65 -35.49 15.36
CA GLY F 80 11.98 -34.37 16.24
C GLY F 80 10.90 -33.30 16.18
N LEU F 81 9.65 -33.77 16.10
CA LEU F 81 8.48 -32.92 15.97
C LEU F 81 8.52 -31.69 16.87
N LYS F 82 8.16 -30.54 16.30
CA LYS F 82 8.19 -29.28 17.02
C LYS F 82 6.81 -28.65 17.04
N THR F 83 6.49 -27.96 18.12
CA THR F 83 5.21 -27.28 18.22
C THR F 83 4.90 -26.46 16.97
N GLU F 84 5.94 -25.86 16.38
CA GLU F 84 5.75 -25.03 15.18
C GLU F 84 5.30 -25.82 13.97
N ASP F 85 5.50 -27.14 13.99
CA ASP F 85 5.11 -27.97 12.86
C ASP F 85 3.59 -28.17 12.75
N GLU F 86 2.86 -27.83 13.82
CA GLU F 86 1.42 -27.93 13.78
C GLU F 86 0.90 -27.06 12.63
N ALA F 87 0.19 -27.70 11.70
CA ALA F 87 -0.30 -27.03 10.52
C ALA F 87 -1.03 -28.05 9.68
N ASP F 88 -1.56 -27.61 8.54
CA ASP F 88 -2.08 -28.52 7.50
C ASP F 88 -0.99 -28.96 6.52
N TYR F 89 -1.10 -30.20 6.00
CA TYR F 89 -0.13 -30.71 5.03
C TYR F 89 -0.88 -31.38 3.88
N TYR F 90 -0.53 -30.95 2.67
CA TYR F 90 -1.14 -31.49 1.44
C TYR F 90 -0.08 -32.13 0.58
N CYS F 91 -0.31 -33.35 0.13
CA CYS F 91 0.51 -33.88 -0.97
C CYS F 91 -0.12 -33.44 -2.31
N GLN F 92 0.67 -33.48 -3.38
CA GLN F 92 0.22 -33.03 -4.69
C GLN F 92 1.05 -33.71 -5.74
N SER F 93 0.38 -34.03 -6.83
CA SER F 93 1.05 -34.66 -7.94
C SER F 93 0.27 -34.33 -9.21
N TYR F 94 0.33 -35.19 -10.22
CA TYR F 94 -0.30 -34.88 -11.53
C TYR F 94 -1.01 -36.11 -12.02
N ASP F 95 -2.16 -35.93 -12.69
CA ASP F 95 -2.91 -37.09 -13.18
C ASP F 95 -2.33 -37.48 -14.51
N SER F 96 -3.02 -38.37 -15.23
CA SER F 96 -2.52 -38.94 -16.48
C SER F 96 -2.62 -37.93 -17.61
N SER F 97 -3.32 -36.84 -17.38
CA SER F 97 -3.37 -35.73 -18.33
C SER F 97 -2.38 -34.61 -17.94
N ASN F 98 -1.52 -34.90 -16.97
CA ASN F 98 -0.54 -33.92 -16.47
C ASN F 98 -1.20 -32.72 -15.82
N HIS F 99 -2.38 -32.91 -15.25
CA HIS F 99 -3.11 -31.85 -14.57
C HIS F 99 -2.89 -31.97 -13.07
N VAL F 100 -2.84 -30.83 -12.37
CA VAL F 100 -2.48 -30.84 -10.96
C VAL F 100 -3.52 -31.59 -10.15
N VAL F 101 -3.09 -32.41 -9.19
CA VAL F 101 -4.02 -32.96 -8.26
C VAL F 101 -3.49 -32.85 -6.82
N PHE F 102 -4.36 -32.36 -5.94
CA PHE F 102 -4.05 -32.26 -4.52
C PHE F 102 -4.61 -33.40 -3.66
N GLY F 103 -3.86 -33.77 -2.61
CA GLY F 103 -4.40 -34.65 -1.58
C GLY F 103 -5.45 -33.99 -0.72
N GLY F 104 -6.22 -34.80 0.01
CA GLY F 104 -7.33 -34.24 0.76
C GLY F 104 -6.89 -33.37 1.93
N GLY F 105 -5.66 -33.55 2.39
CA GLY F 105 -5.12 -32.74 3.44
C GLY F 105 -5.07 -33.49 4.74
N THR F 106 -4.18 -33.05 5.61
CA THR F 106 -4.04 -33.65 6.92
C THR F 106 -3.74 -32.56 7.93
N LYS F 107 -4.49 -32.51 9.03
CA LYS F 107 -4.11 -31.63 10.11
C LYS F 107 -3.20 -32.41 11.07
N LEU F 108 -2.01 -31.85 11.23
CA LEU F 108 -1.03 -32.34 12.19
C LEU F 108 -1.19 -31.50 13.45
N THR F 109 -1.61 -32.15 14.54
CA THR F 109 -1.66 -31.50 15.82
C THR F 109 -0.42 -31.95 16.62
N VAL F 110 0.21 -31.01 17.30
CA VAL F 110 1.33 -31.33 18.17
C VAL F 110 0.83 -31.20 19.61
N LEU F 111 0.79 -32.34 20.29
CA LEU F 111 0.18 -32.46 21.60
C LEU F 111 0.96 -31.75 22.69
N ASN G 1 16.24 -18.10 2.13
CA ASN G 1 16.60 -17.53 3.45
C ASN G 1 15.33 -17.25 4.27
N PHE G 2 15.54 -16.70 5.46
CA PHE G 2 14.45 -16.41 6.40
C PHE G 2 13.28 -15.76 5.69
N MET G 3 12.08 -16.32 5.92
CA MET G 3 10.86 -15.78 5.37
C MET G 3 9.80 -15.61 6.45
N LEU G 4 8.82 -14.75 6.17
CA LEU G 4 7.72 -14.46 7.09
C LEU G 4 6.41 -14.77 6.41
N THR G 5 5.65 -15.67 7.00
CA THR G 5 4.39 -16.12 6.41
C THR G 5 3.23 -15.54 7.16
N GLN G 6 2.37 -14.88 6.41
CA GLN G 6 1.34 -14.05 6.95
C GLN G 6 0.04 -14.41 6.23
N PRO G 7 -1.10 -14.55 6.94
CA PRO G 7 -2.36 -14.80 6.20
C PRO G 7 -2.80 -13.57 5.46
N HIS G 8 -3.48 -13.69 4.32
CA HIS G 8 -3.67 -12.48 3.52
C HIS G 8 -4.88 -11.66 3.95
N SER G 9 -5.88 -12.28 4.59
CA SER G 9 -7.10 -11.57 4.94
C SER G 9 -7.67 -11.95 6.30
N VAL G 10 -8.17 -10.95 7.01
CA VAL G 10 -8.85 -11.18 8.28
C VAL G 10 -9.96 -10.16 8.38
N SER G 11 -11.00 -10.50 9.12
CA SER G 11 -12.10 -9.57 9.32
C SER G 11 -12.65 -9.78 10.71
N GLU G 12 -13.26 -8.73 11.25
CA GLU G 12 -13.79 -8.76 12.59
C GLU G 12 -14.67 -7.56 12.73
N SER G 13 -15.54 -7.59 13.74
CA SER G 13 -16.47 -6.51 13.99
C SER G 13 -15.89 -5.43 14.91
N PRO G 14 -16.43 -4.21 14.83
CA PRO G 14 -15.95 -3.16 15.72
C PRO G 14 -16.09 -3.57 17.17
N GLY G 15 -15.13 -3.18 18.01
CA GLY G 15 -15.19 -3.50 19.43
C GLY G 15 -14.47 -4.79 19.80
N LYS G 16 -14.32 -5.69 18.84
CA LYS G 16 -13.72 -6.98 19.13
C LYS G 16 -12.21 -6.94 18.98
N THR G 17 -11.58 -8.08 19.24
CA THR G 17 -10.13 -8.17 19.17
C THR G 17 -9.79 -9.07 18.01
N VAL G 18 -8.79 -8.67 17.24
CA VAL G 18 -8.32 -9.45 16.12
C VAL G 18 -6.83 -9.67 16.31
N THR G 19 -6.36 -10.81 15.82
CA THR G 19 -4.97 -11.18 15.95
C THR G 19 -4.44 -11.50 14.56
N ILE G 20 -3.30 -10.92 14.20
CA ILE G 20 -2.67 -11.14 12.90
C ILE G 20 -1.32 -11.77 13.16
N SER G 21 -1.07 -12.95 12.60
CA SER G 21 0.19 -13.63 12.90
C SER G 21 1.15 -13.65 11.72
N CYS G 22 2.43 -13.70 12.06
CA CYS G 22 3.51 -13.86 11.10
C CYS G 22 4.41 -15.00 11.56
N THR G 23 4.56 -16.01 10.71
CA THR G 23 5.35 -17.20 11.09
C THR G 23 6.66 -17.28 10.32
N GLY G 24 7.74 -17.51 11.05
CA GLY G 24 9.06 -17.58 10.45
C GLY G 24 9.35 -18.96 9.88
N SER G 25 10.22 -18.98 8.87
CA SER G 25 10.81 -20.21 8.37
C SER G 25 12.21 -19.90 7.87
N SER G 26 13.08 -20.91 7.90
CA SER G 26 14.47 -20.76 7.56
C SER G 26 15.17 -19.85 8.53
N GLY G 27 14.87 -20.06 9.80
CA GLY G 27 15.45 -19.27 10.88
C GLY G 27 14.47 -19.10 12.01
N SER G 28 14.97 -18.63 13.14
CA SER G 28 14.15 -18.40 14.31
C SER G 28 13.57 -16.99 14.34
N ILE G 29 12.29 -16.88 14.65
CA ILE G 29 11.62 -15.59 14.78
C ILE G 29 12.36 -14.69 15.80
N ALA G 30 13.06 -15.30 16.75
CA ALA G 30 13.70 -14.55 17.83
C ALA G 30 15.09 -14.02 17.46
N SER G 31 15.58 -14.41 16.29
CA SER G 31 16.93 -14.03 15.89
C SER G 31 17.03 -12.56 15.52
N ASN G 32 15.91 -11.94 15.17
CA ASN G 32 15.89 -10.51 14.81
C ASN G 32 14.56 -9.83 15.24
N TYR G 33 14.61 -8.51 15.46
CA TYR G 33 13.43 -7.74 15.82
C TYR G 33 12.34 -7.87 14.76
N VAL G 34 11.10 -8.01 15.23
CA VAL G 34 9.92 -7.92 14.38
C VAL G 34 9.24 -6.55 14.47
N GLN G 35 8.94 -5.99 13.30
CA GLN G 35 8.22 -4.73 13.15
C GLN G 35 6.88 -4.99 12.50
N TRP G 36 5.87 -4.22 12.89
CA TRP G 36 4.57 -4.18 12.23
C TRP G 36 4.20 -2.80 11.69
N TYR G 37 3.75 -2.79 10.45
CA TYR G 37 3.30 -1.57 9.78
C TYR G 37 1.82 -1.60 9.43
N GLN G 38 1.15 -0.46 9.63
CA GLN G 38 -0.12 -0.21 9.00
C GLN G 38 0.11 0.48 7.65
N GLN G 39 -0.71 0.17 6.65
CA GLN G 39 -0.54 0.82 5.36
C GLN G 39 -1.88 0.99 4.70
N ARG G 40 -2.21 2.25 4.43
CA ARG G 40 -3.44 2.57 3.74
C ARG G 40 -3.17 2.71 2.26
N PRO G 41 -4.24 2.61 1.45
CA PRO G 41 -4.04 2.59 0.01
C PRO G 41 -3.32 3.85 -0.50
N GLY G 42 -2.28 3.60 -1.28
CA GLY G 42 -1.51 4.66 -1.91
C GLY G 42 -0.70 5.52 -0.95
N SER G 43 -0.49 5.02 0.27
CA SER G 43 0.25 5.73 1.31
C SER G 43 1.44 4.93 1.83
N SER G 44 2.45 5.60 2.35
CA SER G 44 3.60 4.87 2.84
C SER G 44 3.25 4.19 4.16
N PRO G 45 3.99 3.14 4.49
CA PRO G 45 3.70 2.39 5.71
C PRO G 45 3.98 3.19 6.97
N THR G 46 3.09 3.12 7.97
CA THR G 46 3.37 3.73 9.26
C THR G 46 3.62 2.65 10.33
N THR G 47 4.59 2.91 11.20
CA THR G 47 5.03 1.92 12.19
C THR G 47 4.01 1.82 13.30
N VAL G 48 3.51 0.62 13.60
CA VAL G 48 2.66 0.46 14.80
C VAL G 48 3.40 -0.32 15.88
N ILE G 49 4.27 -1.26 15.50
CA ILE G 49 5.16 -1.94 16.45
C ILE G 49 6.58 -2.02 15.91
N TYR G 50 7.57 -1.78 16.78
CA TYR G 50 8.97 -2.06 16.44
C TYR G 50 9.59 -2.86 17.60
N GLU G 51 10.73 -3.49 17.32
CA GLU G 51 11.44 -4.31 18.32
C GLU G 51 10.45 -5.20 19.06
N ASP G 52 9.67 -5.93 18.26
CA ASP G 52 8.77 -7.01 18.72
C ASP G 52 7.51 -6.53 19.38
N ASN G 53 7.58 -5.55 20.26
CA ASN G 53 6.41 -5.15 21.02
C ASN G 53 6.41 -3.70 21.52
N GLN G 54 7.26 -2.84 20.94
CA GLN G 54 7.25 -1.41 21.28
C GLN G 54 6.37 -0.60 20.34
N ARG G 55 5.57 0.27 20.93
CA ARG G 55 4.76 1.25 20.24
C ARG G 55 5.50 2.57 20.09
N PRO G 56 5.56 3.12 18.87
CA PRO G 56 6.01 4.51 18.79
C PRO G 56 5.13 5.39 19.67
N SER G 57 5.67 6.49 20.17
CA SER G 57 4.87 7.43 20.95
C SER G 57 3.71 7.91 20.12
N GLY G 58 2.50 7.77 20.67
CA GLY G 58 1.32 8.21 19.97
C GLY G 58 0.46 7.08 19.47
N VAL G 59 1.07 5.93 19.19
CA VAL G 59 0.27 4.79 18.74
C VAL G 59 -0.63 4.33 19.88
N PRO G 60 -1.94 4.20 19.59
CA PRO G 60 -2.88 3.76 20.63
C PRO G 60 -2.53 2.43 21.27
N ASP G 61 -2.82 2.29 22.56
CA ASP G 61 -2.48 1.06 23.26
C ASP G 61 -3.35 -0.13 22.83
N ARG G 62 -4.31 0.10 21.93
CA ARG G 62 -5.09 -1.01 21.36
C ARG G 62 -4.24 -1.95 20.51
N PHE G 63 -3.09 -1.44 20.03
CA PHE G 63 -2.16 -2.22 19.22
C PHE G 63 -1.08 -2.83 20.12
N SER G 64 -0.87 -4.12 20.01
CA SER G 64 0.20 -4.74 20.78
C SER G 64 0.85 -5.82 19.93
N GLY G 65 2.13 -6.03 20.18
CA GLY G 65 2.84 -7.09 19.48
C GLY G 65 3.39 -8.08 20.48
N SER G 66 3.53 -9.33 20.04
CA SER G 66 4.03 -10.38 20.89
C SER G 66 4.82 -11.37 20.02
N ILE G 67 5.69 -12.14 20.66
CA ILE G 67 6.43 -13.21 20.01
C ILE G 67 6.14 -14.53 20.70
N ASP G 68 5.90 -15.58 19.91
CA ASP G 68 5.70 -16.95 20.40
C ASP G 68 6.79 -17.89 19.82
N SER G 69 7.89 -18.06 20.55
CA SER G 69 9.04 -18.81 20.06
C SER G 69 8.68 -20.28 19.75
N SER G 70 7.70 -20.82 20.47
CA SER G 70 7.32 -22.23 20.28
C SER G 70 6.48 -22.43 19.03
N SER G 71 5.86 -21.35 18.56
CA SER G 71 5.18 -21.37 17.26
C SER G 71 6.12 -20.80 16.18
N ASN G 72 7.25 -20.27 16.62
CA ASN G 72 8.15 -19.52 15.74
C ASN G 72 7.41 -18.37 15.07
N SER G 73 6.61 -17.64 15.85
CA SER G 73 5.73 -16.63 15.26
C SER G 73 5.74 -15.31 16.00
N ALA G 74 5.29 -14.28 15.31
CA ALA G 74 5.01 -12.99 15.91
C ALA G 74 3.56 -12.67 15.66
N SER G 75 2.97 -11.88 16.55
CA SER G 75 1.59 -11.52 16.44
C SER G 75 1.34 -10.05 16.68
N LEU G 76 0.44 -9.50 15.89
CA LEU G 76 -0.05 -8.16 16.12
C LEU G 76 -1.47 -8.33 16.62
N THR G 77 -1.75 -7.80 17.80
CA THR G 77 -3.10 -7.86 18.31
C THR G 77 -3.70 -6.46 18.37
N ILE G 78 -4.93 -6.35 17.86
CA ILE G 78 -5.69 -5.10 17.88
C ILE G 78 -6.97 -5.28 18.66
N SER G 79 -7.00 -4.71 19.87
CA SER G 79 -8.20 -4.78 20.70
C SER G 79 -9.09 -3.56 20.44
N GLY G 80 -10.35 -3.63 20.84
CA GLY G 80 -11.26 -2.51 20.70
C GLY G 80 -11.34 -2.01 19.27
N LEU G 81 -11.50 -2.94 18.34
CA LEU G 81 -11.38 -2.67 16.92
C LEU G 81 -12.23 -1.49 16.46
N LYS G 82 -11.61 -0.56 15.72
CA LYS G 82 -12.35 0.57 15.15
C LYS G 82 -12.38 0.53 13.63
N THR G 83 -13.42 1.15 13.08
CA THR G 83 -13.60 1.25 11.63
C THR G 83 -12.34 1.80 10.95
N GLU G 84 -11.69 2.76 11.59
CA GLU G 84 -10.51 3.40 11.03
C GLU G 84 -9.31 2.45 10.91
N ASP G 85 -9.38 1.32 11.61
CA ASP G 85 -8.29 0.35 11.60
C ASP G 85 -8.25 -0.50 10.35
N GLU G 86 -9.29 -0.38 9.52
CA GLU G 86 -9.33 -1.15 8.30
C GLU G 86 -8.21 -0.70 7.38
N ALA G 87 -7.31 -1.63 7.06
CA ALA G 87 -6.04 -1.33 6.42
C ALA G 87 -5.25 -2.63 6.14
N ASP G 88 -4.13 -2.51 5.43
CA ASP G 88 -3.16 -3.59 5.33
C ASP G 88 -2.15 -3.54 6.49
N TYR G 89 -1.73 -4.70 7.02
CA TYR G 89 -0.75 -4.80 8.09
C TYR G 89 0.35 -5.75 7.65
N TYR G 90 1.58 -5.30 7.78
CA TYR G 90 2.78 -6.04 7.37
C TYR G 90 3.71 -6.28 8.53
N CYS G 91 4.21 -7.51 8.69
CA CYS G 91 5.30 -7.75 9.60
C CYS G 91 6.60 -7.66 8.82
N GLN G 92 7.69 -7.39 9.50
CA GLN G 92 8.96 -7.19 8.84
C GLN G 92 10.08 -7.52 9.79
N SER G 93 11.08 -8.25 9.29
CA SER G 93 12.26 -8.49 10.09
C SER G 93 13.47 -8.51 9.16
N TYR G 94 14.49 -9.27 9.53
CA TYR G 94 15.75 -9.31 8.79
C TYR G 94 16.19 -10.77 8.63
N ASP G 95 16.97 -11.05 7.59
CA ASP G 95 17.49 -12.40 7.40
C ASP G 95 18.90 -12.49 7.98
N SER G 96 19.55 -13.64 7.82
CA SER G 96 20.88 -13.82 8.44
C SER G 96 21.91 -12.87 7.82
N SER G 97 21.60 -12.29 6.67
CA SER G 97 22.45 -11.28 6.04
C SER G 97 22.07 -9.84 6.41
N ASN G 98 21.23 -9.67 7.43
CA ASN G 98 20.68 -8.37 7.82
C ASN G 98 19.94 -7.62 6.68
N HIS G 99 19.39 -8.38 5.73
CA HIS G 99 18.50 -7.80 4.73
C HIS G 99 17.04 -7.86 5.14
N VAL G 100 16.28 -6.85 4.74
CA VAL G 100 14.86 -6.73 5.09
C VAL G 100 14.05 -7.90 4.55
N VAL G 101 13.17 -8.43 5.39
CA VAL G 101 12.19 -9.42 4.98
C VAL G 101 10.78 -8.94 5.40
N PHE G 102 9.86 -8.85 4.44
CA PHE G 102 8.45 -8.55 4.71
C PHE G 102 7.61 -9.82 4.67
N GLY G 103 6.62 -9.94 5.57
CA GLY G 103 5.54 -10.86 5.33
C GLY G 103 4.70 -10.34 4.17
N GLY G 104 3.82 -11.19 3.64
CA GLY G 104 2.98 -10.83 2.51
C GLY G 104 1.87 -9.83 2.81
N GLY G 105 1.63 -9.55 4.08
CA GLY G 105 0.60 -8.60 4.41
C GLY G 105 -0.76 -9.24 4.69
N THR G 106 -1.52 -8.58 5.55
CA THR G 106 -2.89 -8.98 5.86
C THR G 106 -3.82 -7.80 5.72
N LYS G 107 -4.85 -7.92 4.90
CA LYS G 107 -5.87 -6.89 4.87
C LYS G 107 -6.89 -7.16 5.97
N LEU G 108 -7.03 -6.18 6.86
CA LEU G 108 -8.04 -6.25 7.89
C LEU G 108 -9.23 -5.51 7.39
N THR G 109 -10.35 -6.23 7.26
CA THR G 109 -11.61 -5.66 6.90
C THR G 109 -12.43 -5.53 8.18
N VAL G 110 -12.96 -4.33 8.46
CA VAL G 110 -13.85 -4.17 9.62
C VAL G 110 -15.29 -4.25 9.17
N LEU G 111 -16.03 -5.18 9.78
CA LEU G 111 -17.39 -5.54 9.37
C LEU G 111 -18.43 -4.52 9.81
N ASN H 1 -9.84 37.27 -2.67
CA ASN H 1 -9.45 38.22 -3.75
C ASN H 1 -8.62 37.50 -4.80
N PHE H 2 -8.80 37.91 -6.04
CA PHE H 2 -8.00 37.40 -7.14
C PHE H 2 -6.50 37.52 -6.82
N MET H 3 -5.75 36.48 -7.12
CA MET H 3 -4.31 36.52 -6.93
C MET H 3 -3.66 35.87 -8.13
N LEU H 4 -2.38 36.19 -8.32
CA LEU H 4 -1.59 35.64 -9.39
C LEU H 4 -0.42 34.94 -8.78
N THR H 5 -0.22 33.70 -9.21
CA THR H 5 0.82 32.86 -8.65
C THR H 5 1.90 32.65 -9.68
N GLN H 6 3.16 32.92 -9.35
CA GLN H 6 4.20 32.54 -10.30
C GLN H 6 5.33 31.84 -9.56
N PRO H 7 6.06 30.97 -10.28
CA PRO H 7 7.14 30.20 -9.66
C PRO H 7 8.26 31.13 -9.29
N HIS H 8 9.06 30.76 -8.29
CA HIS H 8 10.05 31.66 -7.74
C HIS H 8 11.21 31.94 -8.69
N SER H 9 11.66 30.90 -9.38
CA SER H 9 12.85 31.04 -10.20
C SER H 9 12.83 30.13 -11.42
N VAL H 10 13.48 30.58 -12.47
CA VAL H 10 13.65 29.80 -13.68
C VAL H 10 15.05 30.07 -14.20
N SER H 11 15.62 29.06 -14.85
CA SER H 11 16.97 29.14 -15.32
C SER H 11 17.09 28.49 -16.70
N GLU H 12 17.93 29.05 -17.55
CA GLU H 12 18.10 28.45 -18.85
C GLU H 12 19.35 29.03 -19.51
N SER H 13 19.77 28.39 -20.59
CA SER H 13 21.05 28.75 -21.19
C SER H 13 20.91 29.67 -22.40
N PRO H 14 21.94 30.49 -22.64
CA PRO H 14 21.92 31.40 -23.79
C PRO H 14 21.40 30.73 -25.05
N GLY H 15 20.58 31.45 -25.79
CA GLY H 15 20.03 30.95 -27.04
C GLY H 15 18.81 30.10 -26.91
N LYS H 16 18.55 29.59 -25.71
CA LYS H 16 17.43 28.70 -25.51
C LYS H 16 16.14 29.48 -25.22
N THR H 17 15.03 28.77 -25.08
CA THR H 17 13.74 29.39 -24.80
C THR H 17 13.29 29.02 -23.38
N VAL H 18 12.80 30.01 -22.67
CA VAL H 18 12.32 29.83 -21.29
C VAL H 18 10.90 30.36 -21.19
N THR H 19 10.09 29.75 -20.32
CA THR H 19 8.71 30.20 -20.09
C THR H 19 8.47 30.49 -18.61
N ILE H 20 7.80 31.61 -18.35
CA ILE H 20 7.43 32.00 -16.99
C ILE H 20 5.91 31.99 -16.90
N SER H 21 5.37 31.22 -15.97
CA SER H 21 3.92 31.16 -15.86
C SER H 21 3.35 32.05 -14.75
N CYS H 22 2.09 32.39 -14.90
CA CYS H 22 1.37 33.29 -13.99
C CYS H 22 -0.03 32.72 -13.88
N THR H 23 -0.33 32.05 -12.79
CA THR H 23 -1.61 31.35 -12.68
C THR H 23 -2.61 32.06 -11.78
N GLY H 24 -3.83 32.19 -12.28
CA GLY H 24 -4.89 32.87 -11.55
C GLY H 24 -5.42 31.99 -10.46
N SER H 25 -5.84 32.64 -9.39
CA SER H 25 -6.31 32.01 -8.16
C SER H 25 -7.49 32.85 -7.64
N SER H 26 -8.58 32.21 -7.22
CA SER H 26 -9.81 32.92 -6.82
C SER H 26 -10.29 33.88 -7.88
N GLY H 27 -10.32 33.39 -9.12
CA GLY H 27 -10.84 34.15 -10.24
C GLY H 27 -10.33 33.62 -11.57
N SER H 28 -10.95 34.05 -12.66
CA SER H 28 -10.47 33.67 -13.98
C SER H 28 -9.42 34.62 -14.59
N ILE H 29 -8.32 34.03 -15.05
CA ILE H 29 -7.24 34.76 -15.70
C ILE H 29 -7.74 35.60 -16.89
N ALA H 30 -8.84 35.16 -17.49
CA ALA H 30 -9.34 35.79 -18.70
C ALA H 30 -10.21 37.04 -18.43
N SER H 31 -10.53 37.32 -17.16
CA SER H 31 -11.43 38.45 -16.86
C SER H 31 -10.76 39.80 -17.01
N ASN H 32 -9.44 39.82 -16.91
CA ASN H 32 -8.72 41.09 -17.05
C ASN H 32 -7.39 40.87 -17.75
N TYR H 33 -6.94 41.91 -18.43
CA TYR H 33 -5.66 41.87 -19.15
C TYR H 33 -4.46 41.60 -18.24
N VAL H 34 -3.48 40.88 -18.77
CA VAL H 34 -2.26 40.56 -18.03
C VAL H 34 -1.09 41.35 -18.62
N GLN H 35 -0.36 42.03 -17.74
CA GLN H 35 0.85 42.73 -18.11
C GLN H 35 2.04 41.99 -17.56
N TRP H 36 3.17 42.12 -18.23
CA TRP H 36 4.42 41.55 -17.76
C TRP H 36 5.47 42.65 -17.67
N TYR H 37 6.15 42.70 -16.52
CA TYR H 37 7.23 43.64 -16.31
C TYR H 37 8.56 42.95 -16.12
N GLN H 38 9.59 43.52 -16.75
CA GLN H 38 10.95 43.16 -16.47
C GLN H 38 11.48 44.17 -15.45
N GLN H 39 12.18 43.70 -14.42
CA GLN H 39 12.80 44.61 -13.47
C GLN H 39 14.19 44.18 -13.05
N ARG H 40 15.07 45.16 -13.03
CA ARG H 40 16.50 45.01 -12.75
C ARG H 40 16.77 45.67 -11.41
N PRO H 41 17.67 45.11 -10.59
CA PRO H 41 17.89 45.75 -9.30
C PRO H 41 18.37 47.19 -9.51
N GLY H 42 17.57 48.15 -9.04
CA GLY H 42 17.87 49.56 -9.24
C GLY H 42 17.02 50.25 -10.28
N SER H 43 16.21 49.49 -11.00
CA SER H 43 15.35 50.11 -12.01
C SER H 43 13.89 49.83 -11.70
N SER H 44 13.06 50.58 -12.38
CA SER H 44 11.63 50.47 -12.21
C SER H 44 11.21 49.34 -13.10
N PRO H 45 10.02 48.81 -12.84
CA PRO H 45 9.47 47.78 -13.72
C PRO H 45 9.26 48.34 -15.13
N THR H 46 9.61 47.57 -16.16
CA THR H 46 9.48 48.02 -17.54
C THR H 46 8.61 47.02 -18.26
N THR H 47 7.65 47.56 -18.98
CA THR H 47 6.66 46.73 -19.65
C THR H 47 7.35 45.98 -20.77
N VAL H 48 7.27 44.66 -20.75
CA VAL H 48 7.59 43.88 -21.94
C VAL H 48 6.34 43.34 -22.63
N ILE H 49 5.23 43.18 -21.90
CA ILE H 49 3.95 42.77 -22.48
C ILE H 49 2.82 43.50 -21.79
N TYR H 50 1.84 43.98 -22.58
CA TYR H 50 0.58 44.47 -22.03
C TYR H 50 -0.58 43.87 -22.81
N GLU H 51 -1.78 43.92 -22.21
CA GLU H 51 -2.97 43.36 -22.83
C GLU H 51 -2.71 41.94 -23.30
N ASP H 52 -2.16 41.11 -22.40
CA ASP H 52 -1.97 39.67 -22.62
C ASP H 52 -0.81 39.32 -23.55
N ASN H 53 -0.70 40.01 -24.70
CA ASN H 53 0.33 39.62 -25.68
C ASN H 53 0.86 40.76 -26.57
N GLN H 54 0.58 42.02 -26.21
CA GLN H 54 1.07 43.19 -26.95
C GLN H 54 2.46 43.62 -26.49
N ARG H 55 3.40 43.73 -27.42
CA ARG H 55 4.71 44.29 -27.10
C ARG H 55 4.75 45.80 -27.29
N PRO H 56 5.29 46.53 -26.31
CA PRO H 56 5.53 47.93 -26.56
C PRO H 56 6.59 48.11 -27.62
N SER H 57 6.58 49.29 -28.24
CA SER H 57 7.61 49.64 -29.20
C SER H 57 8.97 49.55 -28.55
N GLY H 58 9.89 48.85 -29.20
CA GLY H 58 11.24 48.71 -28.72
C GLY H 58 11.51 47.40 -28.04
N VAL H 59 10.44 46.69 -27.69
CA VAL H 59 10.59 45.39 -27.08
C VAL H 59 10.71 44.33 -28.19
N PRO H 60 11.80 43.56 -28.19
CA PRO H 60 11.95 42.60 -29.29
C PRO H 60 10.97 41.45 -29.27
N ASP H 61 10.74 40.91 -30.45
CA ASP H 61 9.77 39.82 -30.60
C ASP H 61 10.27 38.54 -29.99
N ARG H 62 11.47 38.55 -29.40
CA ARG H 62 11.90 37.44 -28.55
C ARG H 62 10.96 37.24 -27.36
N PHE H 63 10.30 38.33 -26.95
CA PHE H 63 9.36 38.34 -25.84
C PHE H 63 7.94 38.14 -26.32
N SER H 64 7.27 37.10 -25.83
CA SER H 64 5.89 36.89 -26.23
C SER H 64 5.01 36.47 -25.06
N GLY H 65 3.78 36.96 -25.09
CA GLY H 65 2.84 36.70 -24.03
C GLY H 65 1.71 35.85 -24.55
N SER H 66 1.19 34.99 -23.68
CA SER H 66 0.10 34.10 -24.07
C SER H 66 -0.79 33.89 -22.88
N ILE H 67 -2.02 33.49 -23.20
CA ILE H 67 -2.98 33.06 -22.21
C ILE H 67 -3.37 31.61 -22.49
N ASP H 68 -3.44 30.79 -21.44
CA ASP H 68 -3.86 29.40 -21.57
C ASP H 68 -5.03 29.17 -20.61
N SER H 69 -6.24 29.25 -21.12
CA SER H 69 -7.42 29.24 -20.28
C SER H 69 -7.67 27.89 -19.62
N SER H 70 -7.18 26.81 -20.25
CA SER H 70 -7.36 25.47 -19.70
C SER H 70 -6.55 25.32 -18.42
N SER H 71 -5.49 26.10 -18.26
CA SER H 71 -4.74 26.06 -17.02
C SER H 71 -4.94 27.34 -16.21
N ASN H 72 -5.89 28.17 -16.64
CA ASN H 72 -6.17 29.46 -16.00
C ASN H 72 -4.88 30.27 -15.77
N SER H 73 -4.00 30.28 -16.76
CA SER H 73 -2.71 30.94 -16.61
C SER H 73 -2.34 31.84 -17.77
N ALA H 74 -1.37 32.70 -17.50
CA ALA H 74 -0.72 33.52 -18.51
C ALA H 74 0.74 33.16 -18.53
N SER H 75 1.40 33.36 -19.66
CA SER H 75 2.81 33.04 -19.76
C SER H 75 3.60 34.05 -20.55
N LEU H 76 4.79 34.32 -20.04
CA LEU H 76 5.79 35.09 -20.73
C LEU H 76 6.82 34.09 -21.26
N THR H 77 7.03 34.10 -22.57
CA THR H 77 8.00 33.20 -23.19
C THR H 77 9.08 34.06 -23.81
N ILE H 78 10.33 33.74 -23.50
CA ILE H 78 11.50 34.47 -23.99
C ILE H 78 12.36 33.48 -24.78
N SER H 79 12.53 33.72 -26.07
CA SER H 79 13.34 32.86 -26.92
C SER H 79 14.68 33.55 -27.20
N GLY H 80 15.67 32.78 -27.65
CA GLY H 80 16.96 33.37 -27.98
C GLY H 80 17.59 34.07 -26.81
N LEU H 81 17.56 33.41 -25.66
CA LEU H 81 17.95 34.05 -24.42
C LEU H 81 19.28 34.73 -24.49
N LYS H 82 19.29 35.97 -24.02
CA LYS H 82 20.51 36.74 -23.90
C LYS H 82 20.83 36.89 -22.43
N THR H 83 22.10 37.08 -22.09
CA THR H 83 22.51 37.25 -20.71
C THR H 83 21.82 38.48 -20.14
N GLU H 84 21.59 39.50 -20.97
CA GLU H 84 20.91 40.71 -20.50
C GLU H 84 19.44 40.45 -20.09
N ASP H 85 18.92 39.27 -20.41
CA ASP H 85 17.54 38.93 -20.06
C ASP H 85 17.43 38.51 -18.59
N GLU H 86 18.55 38.24 -17.94
CA GLU H 86 18.56 37.91 -16.53
C GLU H 86 18.04 39.09 -15.72
N ALA H 87 16.97 38.85 -14.99
CA ALA H 87 16.24 39.91 -14.32
C ALA H 87 15.06 39.30 -13.56
N ASP H 88 14.32 40.13 -12.85
CA ASP H 88 13.05 39.73 -12.25
C ASP H 88 11.90 40.03 -13.21
N TYR H 89 10.94 39.11 -13.29
CA TYR H 89 9.74 39.32 -14.08
C TYR H 89 8.48 39.23 -13.21
N TYR H 90 7.60 40.22 -13.35
CA TYR H 90 6.33 40.27 -12.60
C TYR H 90 5.18 40.28 -13.56
N CYS H 91 4.22 39.41 -13.34
CA CYS H 91 2.95 39.59 -14.03
C CYS H 91 2.03 40.45 -13.18
N GLN H 92 1.02 41.02 -13.84
CA GLN H 92 0.17 42.02 -13.19
C GLN H 92 -1.18 42.03 -13.83
N SER H 93 -2.25 42.15 -13.04
CA SER H 93 -3.57 42.30 -13.61
C SER H 93 -4.43 43.10 -12.64
N TYR H 94 -5.71 42.81 -12.60
CA TYR H 94 -6.67 43.55 -11.78
C TYR H 94 -7.60 42.55 -11.14
N ASP H 95 -8.08 42.85 -9.93
CA ASP H 95 -9.09 42.02 -9.28
C ASP H 95 -10.49 42.47 -9.67
N SER H 96 -11.52 41.93 -9.01
CA SER H 96 -12.87 42.21 -9.46
C SER H 96 -13.24 43.66 -9.17
N SER H 97 -12.51 44.32 -8.25
CA SER H 97 -12.72 45.74 -7.97
C SER H 97 -11.92 46.65 -8.88
N ASN H 98 -11.25 46.05 -9.87
CA ASN H 98 -10.35 46.79 -10.78
C ASN H 98 -9.15 47.36 -10.04
N HIS H 99 -8.80 46.78 -8.91
CA HIS H 99 -7.56 47.17 -8.24
C HIS H 99 -6.41 46.30 -8.73
N VAL H 100 -5.22 46.89 -8.81
CA VAL H 100 -4.03 46.21 -9.28
C VAL H 100 -3.62 45.02 -8.42
N VAL H 101 -3.29 43.91 -9.08
CA VAL H 101 -2.78 42.70 -8.46
CA VAL H 101 -2.73 42.74 -8.41
C VAL H 101 -1.47 42.32 -9.15
N PHE H 102 -0.40 42.06 -8.37
CA PHE H 102 0.88 41.57 -8.91
C PHE H 102 1.11 40.11 -8.57
N GLY H 103 1.68 39.35 -9.50
CA GLY H 103 2.28 38.09 -9.13
C GLY H 103 3.46 38.29 -8.19
N GLY H 104 3.92 37.23 -7.55
CA GLY H 104 4.99 37.34 -6.59
C GLY H 104 6.39 37.47 -7.18
N GLY H 105 6.49 37.39 -8.51
CA GLY H 105 7.77 37.53 -9.18
C GLY H 105 8.55 36.26 -9.42
N THR H 106 9.34 36.27 -10.50
CA THR H 106 10.19 35.17 -10.89
C THR H 106 11.54 35.74 -11.29
N LYS H 107 12.61 35.21 -10.68
CA LYS H 107 13.96 35.57 -11.10
C LYS H 107 14.36 34.61 -12.23
N LEU H 108 14.71 35.18 -13.38
CA LEU H 108 15.25 34.42 -14.47
C LEU H 108 16.76 34.54 -14.41
N THR H 109 17.42 33.39 -14.35
CA THR H 109 18.88 33.35 -14.42
C THR H 109 19.32 32.78 -15.77
N VAL H 110 20.30 33.42 -16.40
CA VAL H 110 20.83 32.89 -17.67
C VAL H 110 22.16 32.20 -17.39
N LEU H 111 22.15 30.89 -17.60
CA LEU H 111 23.31 30.04 -17.32
C LEU H 111 24.36 30.13 -18.42
C ACT I . -25.28 -41.93 17.86
O ACT I . -24.70 -42.34 16.82
OXT ACT I . -24.74 -40.96 18.45
CH3 ACT I . -26.56 -42.58 18.37
C ACT J . -34.42 -37.97 -2.83
O ACT J . -33.99 -37.98 -4.00
OXT ACT J . -34.90 -39.04 -2.39
CH3 ACT J . -34.30 -36.78 -1.93
C ACT K . -8.64 32.55 5.23
O ACT K . -8.48 32.60 3.98
OXT ACT K . -7.82 31.84 5.86
CH3 ACT K . -9.75 33.31 5.91
C ACT L . -8.87 28.71 -7.51
O ACT L . -8.56 27.49 -7.61
OXT ACT L . -8.69 29.24 -6.37
CH3 ACT L . -9.42 29.49 -8.67
#